data_2NC6
#
_entry.id   2NC6
#
loop_
_entity.id
_entity.type
_entity.pdbx_description
1 polymer 'Pin1 WW Domain'
2 non-polymer beta-L-idopyranose
#
_entity_poly.entity_id   1
_entity_poly.type   'polypeptide(L)'
_entity_poly.pdbx_seq_one_letter_code
;KLPPGWEKRMFANGTVYYFNHITNASQFERPSG
;
_entity_poly.pdbx_strand_id   A
#
# COMPACT_ATOMS: atom_id res chain seq x y z
N LYS A 1 -11.13 -5.50 0.18
CA LYS A 1 -10.50 -4.76 1.31
C LYS A 1 -10.01 -3.37 0.86
N LEU A 2 -8.88 -3.29 0.14
CA LEU A 2 -8.32 -2.04 -0.38
C LEU A 2 -9.08 -1.53 -1.63
N PRO A 3 -8.99 -0.21 -1.96
CA PRO A 3 -9.49 0.33 -3.23
C PRO A 3 -8.71 -0.21 -4.45
N PRO A 4 -9.18 0.00 -5.70
CA PRO A 4 -8.63 -0.63 -6.90
C PRO A 4 -7.12 -0.47 -7.09
N GLY A 5 -6.43 -1.59 -7.35
CA GLY A 5 -4.99 -1.67 -7.60
C GLY A 5 -4.08 -1.62 -6.36
N TRP A 6 -4.62 -1.35 -5.16
CA TRP A 6 -3.86 -1.28 -3.90
C TRP A 6 -3.74 -2.64 -3.18
N GLU A 7 -2.61 -2.87 -2.52
CA GLU A 7 -2.32 -4.06 -1.69
C GLU A 7 -1.33 -3.72 -0.55
N LYS A 8 -1.38 -4.48 0.55
CA LYS A 8 -0.45 -4.34 1.69
C LYS A 8 0.97 -4.80 1.34
N ARG A 9 1.95 -4.11 1.92
CA ARG A 9 3.42 -4.24 1.78
C ARG A 9 4.12 -4.07 3.14
N MET A 10 5.42 -4.35 3.20
CA MET A 10 6.22 -4.22 4.42
C MET A 10 7.71 -3.99 4.12
N PHE A 11 8.35 -3.10 4.88
CA PHE A 11 9.80 -2.88 4.87
C PHE A 11 10.57 -3.98 5.60
N ALA A 12 11.86 -4.16 5.27
CA ALA A 12 12.73 -5.16 5.89
C ALA A 12 12.96 -4.98 7.41
N ASN A 13 12.66 -3.78 7.94
CA ASN A 13 12.68 -3.46 9.37
C ASN A 13 11.39 -3.89 10.14
N GLY A 14 10.39 -4.43 9.44
CA GLY A 14 9.11 -4.87 10.02
C GLY A 14 7.99 -3.80 10.04
N THR A 15 8.13 -2.70 9.30
CA THR A 15 7.13 -1.61 9.24
C THR A 15 6.20 -1.81 8.04
N VAL A 16 4.89 -1.71 8.23
CA VAL A 16 3.86 -2.03 7.22
C VAL A 16 3.41 -0.76 6.47
N TYR A 17 3.17 -0.90 5.17
CA TYR A 17 2.68 0.16 4.28
C TYR A 17 1.74 -0.41 3.19
N TYR A 18 1.23 0.46 2.32
CA TYR A 18 0.34 0.13 1.20
C TYR A 18 0.98 0.56 -0.13
N PHE A 19 0.82 -0.25 -1.17
CA PHE A 19 1.40 -0.04 -2.50
C PHE A 19 0.37 -0.34 -3.61
N ASN A 20 0.37 0.49 -4.65
CA ASN A 20 -0.52 0.36 -5.81
C ASN A 20 0.24 -0.26 -7.00
N HIS A 21 -0.14 -1.47 -7.42
CA HIS A 21 0.59 -2.21 -8.46
C HIS A 21 0.31 -1.72 -9.89
N ILE A 22 -0.76 -0.95 -10.08
CA ILE A 22 -1.17 -0.37 -11.37
C ILE A 22 -0.36 0.91 -11.69
N THR A 23 -0.07 1.73 -10.68
CA THR A 23 0.53 3.07 -10.81
C THR A 23 1.91 3.23 -10.14
N ASN A 24 2.36 2.22 -9.39
CA ASN A 24 3.57 2.22 -8.54
C ASN A 24 3.56 3.26 -7.40
N ALA A 25 2.40 3.82 -7.04
CA ALA A 25 2.24 4.70 -5.88
C ALA A 25 2.33 3.94 -4.54
N SER A 26 2.61 4.65 -3.44
CA SER A 26 2.66 4.07 -2.07
C SER A 26 2.25 5.07 -0.99
N GLN A 27 1.68 4.55 0.10
CA GLN A 27 1.34 5.28 1.33
C GLN A 27 1.65 4.45 2.58
N PHE A 28 2.07 5.12 3.66
CA PHE A 28 2.18 4.48 4.98
C PHE A 28 0.78 4.26 5.62
N GLU A 29 -0.19 5.11 5.30
CA GLU A 29 -1.57 5.07 5.81
C GLU A 29 -2.57 4.54 4.77
N ARG A 30 -3.69 3.99 5.24
CA ARG A 30 -4.67 3.23 4.44
C ARG A 30 -5.21 4.07 3.26
N PRO A 31 -5.06 3.62 1.99
CA PRO A 31 -5.55 4.36 0.81
C PRO A 31 -7.07 4.49 0.81
N SER A 32 -7.58 5.65 0.35
CA SER A 32 -9.00 6.04 0.46
C SER A 32 -9.56 5.87 1.89
N GLY A 33 -8.82 6.36 2.88
CA GLY A 33 -9.17 6.33 4.32
C GLY A 33 -10.41 7.16 4.67
N LYS A 1 -11.73 -4.52 0.25
CA LYS A 1 -11.09 -3.85 1.41
C LYS A 1 -10.39 -2.55 1.00
N LEU A 2 -9.27 -2.62 0.26
CA LEU A 2 -8.62 -1.45 -0.36
C LEU A 2 -9.27 -1.10 -1.71
N PRO A 3 -9.18 0.16 -2.19
CA PRO A 3 -9.61 0.55 -3.54
C PRO A 3 -8.73 -0.09 -4.64
N PRO A 4 -9.13 -0.03 -5.93
CA PRO A 4 -8.48 -0.76 -7.02
C PRO A 4 -6.96 -0.54 -7.15
N GLY A 5 -6.23 -1.64 -7.36
CA GLY A 5 -4.78 -1.68 -7.53
C GLY A 5 -3.94 -1.71 -6.25
N TRP A 6 -4.52 -1.36 -5.09
CA TRP A 6 -3.80 -1.28 -3.82
C TRP A 6 -3.66 -2.64 -3.09
N GLU A 7 -2.53 -2.83 -2.43
CA GLU A 7 -2.12 -4.04 -1.69
C GLU A 7 -1.29 -3.67 -0.45
N LYS A 8 -1.40 -4.44 0.65
CA LYS A 8 -0.50 -4.31 1.81
C LYS A 8 0.90 -4.86 1.50
N ARG A 9 1.90 -4.14 2.01
CA ARG A 9 3.34 -4.41 1.83
C ARG A 9 4.13 -4.01 3.10
N MET A 10 5.43 -4.30 3.14
CA MET A 10 6.26 -4.17 4.35
C MET A 10 7.74 -3.95 4.05
N PHE A 11 8.37 -3.08 4.83
CA PHE A 11 9.81 -2.86 4.87
C PHE A 11 10.54 -3.99 5.61
N ALA A 12 11.82 -4.19 5.31
CA ALA A 12 12.67 -5.22 5.93
C ALA A 12 12.89 -5.04 7.45
N ASN A 13 12.62 -3.84 7.98
CA ASN A 13 12.66 -3.52 9.41
C ASN A 13 11.38 -3.93 10.18
N GLY A 14 10.35 -4.46 9.50
CA GLY A 14 9.08 -4.88 10.09
C GLY A 14 7.97 -3.80 10.09
N THR A 15 8.12 -2.72 9.32
CA THR A 15 7.12 -1.63 9.24
C THR A 15 6.17 -1.84 8.06
N VAL A 16 4.87 -1.56 8.22
CA VAL A 16 3.81 -1.81 7.24
C VAL A 16 3.53 -0.56 6.40
N TYR A 17 3.22 -0.77 5.12
CA TYR A 17 2.73 0.26 4.19
C TYR A 17 1.77 -0.33 3.13
N TYR A 18 1.27 0.52 2.24
CA TYR A 18 0.36 0.18 1.14
C TYR A 18 0.96 0.60 -0.20
N PHE A 19 0.87 -0.26 -1.20
CA PHE A 19 1.44 -0.07 -2.55
C PHE A 19 0.40 -0.35 -3.63
N ASN A 20 0.39 0.45 -4.69
CA ASN A 20 -0.48 0.29 -5.85
C ASN A 20 0.27 -0.37 -7.02
N HIS A 21 -0.15 -1.56 -7.45
CA HIS A 21 0.53 -2.32 -8.50
C HIS A 21 0.26 -1.79 -9.92
N ILE A 22 -0.79 -0.98 -10.09
CA ILE A 22 -1.22 -0.40 -11.37
C ILE A 22 -0.52 0.94 -11.64
N THR A 23 -0.37 1.77 -10.60
CA THR A 23 0.15 3.16 -10.69
C THR A 23 1.56 3.32 -10.10
N ASN A 24 2.11 2.29 -9.47
CA ASN A 24 3.39 2.29 -8.73
C ASN A 24 3.47 3.28 -7.54
N ALA A 25 2.33 3.82 -7.09
CA ALA A 25 2.24 4.69 -5.91
C ALA A 25 2.39 3.90 -4.59
N SER A 26 2.76 4.60 -3.50
CA SER A 26 2.86 4.02 -2.15
C SER A 26 2.54 5.03 -1.05
N GLN A 27 1.94 4.56 0.05
CA GLN A 27 1.57 5.37 1.22
C GLN A 27 1.58 4.55 2.53
N PHE A 28 1.79 5.21 3.67
CA PHE A 28 1.99 4.55 4.97
C PHE A 28 0.67 4.20 5.69
N GLU A 29 -0.27 5.14 5.76
CA GLU A 29 -1.65 4.91 6.21
C GLU A 29 -2.49 4.31 5.08
N ARG A 30 -3.66 3.70 5.38
CA ARG A 30 -4.40 2.98 4.32
C ARG A 30 -5.01 3.89 3.24
N PRO A 31 -5.11 3.42 1.99
CA PRO A 31 -5.78 4.10 0.88
C PRO A 31 -7.31 4.03 1.00
N SER A 32 -8.01 5.04 0.50
CA SER A 32 -9.47 5.13 0.46
C SER A 32 -9.93 6.10 -0.63
N GLY A 33 -11.06 5.78 -1.30
CA GLY A 33 -11.68 6.59 -2.36
C GLY A 33 -10.86 6.69 -3.65
N LYS A 1 -12.01 -3.85 0.28
CA LYS A 1 -11.40 -2.95 1.30
C LYS A 1 -10.70 -1.75 0.66
N LEU A 2 -9.50 -1.93 0.10
CA LEU A 2 -8.71 -0.85 -0.52
C LEU A 2 -9.27 -0.46 -1.91
N PRO A 3 -8.91 0.71 -2.47
CA PRO A 3 -9.24 1.06 -3.86
C PRO A 3 -8.53 0.16 -4.90
N PRO A 4 -8.86 0.27 -6.20
CA PRO A 4 -8.22 -0.52 -7.27
C PRO A 4 -6.69 -0.45 -7.28
N GLY A 5 -6.07 -1.62 -7.38
CA GLY A 5 -4.62 -1.82 -7.47
C GLY A 5 -3.84 -1.81 -6.15
N TRP A 6 -4.41 -1.34 -5.05
CA TRP A 6 -3.74 -1.29 -3.74
C TRP A 6 -3.69 -2.65 -3.02
N GLU A 7 -2.54 -2.96 -2.41
CA GLU A 7 -2.30 -4.14 -1.58
C GLU A 7 -1.30 -3.83 -0.45
N LYS A 8 -1.37 -4.56 0.67
CA LYS A 8 -0.44 -4.42 1.80
C LYS A 8 0.97 -4.89 1.45
N ARG A 9 1.94 -4.18 2.02
CA ARG A 9 3.40 -4.28 1.84
C ARG A 9 4.13 -4.06 3.17
N MET A 10 5.43 -4.35 3.23
CA MET A 10 6.24 -4.18 4.44
C MET A 10 7.73 -3.98 4.13
N PHE A 11 8.39 -3.08 4.87
CA PHE A 11 9.84 -2.87 4.84
C PHE A 11 10.59 -3.97 5.61
N ALA A 12 11.87 -4.18 5.29
CA ALA A 12 12.73 -5.19 5.93
C ALA A 12 12.94 -4.96 7.45
N ASN A 13 12.68 -3.74 7.95
CA ASN A 13 12.70 -3.38 9.37
C ASN A 13 11.41 -3.77 10.15
N GLY A 14 10.39 -4.30 9.47
CA GLY A 14 9.10 -4.69 10.06
C GLY A 14 7.99 -3.62 10.04
N THR A 15 8.15 -2.55 9.25
CA THR A 15 7.16 -1.45 9.15
C THR A 15 6.22 -1.68 7.97
N VAL A 16 4.91 -1.59 8.18
CA VAL A 16 3.87 -1.93 7.19
C VAL A 16 3.40 -0.68 6.42
N TYR A 17 3.12 -0.85 5.13
CA TYR A 17 2.59 0.18 4.23
C TYR A 17 1.66 -0.43 3.16
N TYR A 18 1.13 0.41 2.26
CA TYR A 18 0.25 0.03 1.16
C TYR A 18 0.88 0.47 -0.17
N PHE A 19 0.86 -0.41 -1.18
CA PHE A 19 1.43 -0.18 -2.51
C PHE A 19 0.40 -0.46 -3.60
N ASN A 20 0.38 0.36 -4.65
CA ASN A 20 -0.50 0.23 -5.79
C ASN A 20 0.25 -0.38 -6.99
N HIS A 21 -0.16 -1.58 -7.42
CA HIS A 21 0.51 -2.29 -8.52
C HIS A 21 0.17 -1.75 -9.92
N ILE A 22 -0.91 -0.97 -10.03
CA ILE A 22 -1.40 -0.37 -11.29
C ILE A 22 -0.75 1.01 -11.54
N THR A 23 -0.58 1.81 -10.48
CA THR A 23 -0.11 3.21 -10.56
C THR A 23 1.32 3.41 -10.05
N ASN A 24 1.95 2.35 -9.50
CA ASN A 24 3.27 2.35 -8.87
C ASN A 24 3.41 3.29 -7.64
N ALA A 25 2.29 3.74 -7.06
CA ALA A 25 2.25 4.58 -5.86
C ALA A 25 2.43 3.78 -4.56
N SER A 26 2.81 4.44 -3.47
CA SER A 26 2.90 3.86 -2.12
C SER A 26 2.60 4.88 -1.02
N GLN A 27 1.95 4.43 0.07
CA GLN A 27 1.63 5.26 1.24
C GLN A 27 1.57 4.43 2.54
N PHE A 28 1.88 5.06 3.68
CA PHE A 28 1.99 4.37 4.98
C PHE A 28 0.61 4.10 5.63
N GLU A 29 -0.28 5.09 5.62
CA GLU A 29 -1.66 4.95 6.13
C GLU A 29 -2.59 4.30 5.08
N ARG A 30 -3.73 3.75 5.51
CA ARG A 30 -4.64 3.00 4.63
C ARG A 30 -5.21 3.87 3.49
N PRO A 31 -5.09 3.48 2.21
CA PRO A 31 -5.65 4.26 1.10
C PRO A 31 -7.18 4.32 1.16
N SER A 32 -7.75 5.52 1.09
CA SER A 32 -9.18 5.82 1.32
C SER A 32 -9.75 5.30 2.65
N GLY A 33 -8.90 5.16 3.69
CA GLY A 33 -9.29 4.73 5.04
C GLY A 33 -10.18 5.74 5.77
N LYS A 1 -11.13 -5.34 0.13
CA LYS A 1 -10.54 -4.62 1.28
C LYS A 1 -10.06 -3.21 0.91
N LEU A 2 -8.97 -3.09 0.15
CA LEU A 2 -8.43 -1.81 -0.35
C LEU A 2 -9.14 -1.36 -1.66
N PRO A 3 -9.10 -0.06 -2.02
CA PRO A 3 -9.55 0.45 -3.32
C PRO A 3 -8.73 -0.13 -4.50
N PRO A 4 -9.20 0.01 -5.76
CA PRO A 4 -8.60 -0.64 -6.92
C PRO A 4 -7.09 -0.43 -7.09
N GLY A 5 -6.37 -1.52 -7.33
CA GLY A 5 -4.91 -1.57 -7.54
C GLY A 5 -4.06 -1.53 -6.27
N TRP A 6 -4.60 -1.20 -5.09
CA TRP A 6 -3.86 -1.14 -3.83
C TRP A 6 -3.77 -2.49 -3.11
N GLU A 7 -2.60 -2.77 -2.53
CA GLU A 7 -2.30 -3.95 -1.69
C GLU A 7 -1.39 -3.57 -0.51
N LYS A 8 -1.28 -4.46 0.48
CA LYS A 8 -0.33 -4.32 1.61
C LYS A 8 1.08 -4.78 1.22
N ARG A 9 2.07 -4.09 1.79
CA ARG A 9 3.51 -4.32 1.65
C ARG A 9 4.26 -3.95 2.95
N MET A 10 5.55 -4.24 3.05
CA MET A 10 6.31 -4.14 4.30
C MET A 10 7.82 -3.93 4.05
N PHE A 11 8.42 -3.07 4.85
CA PHE A 11 9.87 -2.85 4.92
C PHE A 11 10.58 -3.99 5.69
N ALA A 12 11.87 -4.21 5.40
CA ALA A 12 12.68 -5.24 6.04
C ALA A 12 12.89 -5.03 7.57
N ASN A 13 12.63 -3.82 8.07
CA ASN A 13 12.64 -3.48 9.50
C ASN A 13 11.34 -3.88 10.26
N GLY A 14 10.33 -4.42 9.56
CA GLY A 14 9.05 -4.83 10.14
C GLY A 14 7.93 -3.76 10.12
N THR A 15 8.08 -2.68 9.34
CA THR A 15 7.07 -1.60 9.22
C THR A 15 6.15 -1.84 8.02
N VAL A 16 4.84 -1.66 8.20
CA VAL A 16 3.80 -1.93 7.19
C VAL A 16 3.44 -0.66 6.42
N TYR A 17 3.15 -0.82 5.13
CA TYR A 17 2.65 0.23 4.23
C TYR A 17 1.72 -0.33 3.13
N TYR A 18 1.22 0.54 2.26
CA TYR A 18 0.33 0.21 1.15
C TYR A 18 0.96 0.64 -0.18
N PHE A 19 0.88 -0.22 -1.19
CA PHE A 19 1.45 -0.04 -2.52
C PHE A 19 0.43 -0.33 -3.62
N ASN A 20 0.42 0.48 -4.68
CA ASN A 20 -0.46 0.34 -5.82
C ASN A 20 0.27 -0.34 -7.00
N HIS A 21 -0.17 -1.53 -7.41
CA HIS A 21 0.48 -2.31 -8.47
C HIS A 21 0.16 -1.83 -9.90
N ILE A 22 -0.87 -0.99 -10.05
CA ILE A 22 -1.30 -0.39 -11.33
C ILE A 22 -0.52 0.90 -11.63
N THR A 23 -0.28 1.72 -10.60
CA THR A 23 0.32 3.07 -10.73
C THR A 23 1.75 3.19 -10.17
N ASN A 24 2.24 2.16 -9.47
CA ASN A 24 3.50 2.13 -8.71
C ASN A 24 3.60 3.17 -7.56
N ALA A 25 2.46 3.76 -7.14
CA ALA A 25 2.39 4.64 -5.98
C ALA A 25 2.51 3.86 -4.64
N SER A 26 2.88 4.54 -3.55
CA SER A 26 2.89 3.99 -2.19
C SER A 26 2.60 5.03 -1.12
N GLN A 27 1.99 4.59 0.00
CA GLN A 27 1.68 5.42 1.16
C GLN A 27 1.65 4.59 2.46
N PHE A 28 1.90 5.23 3.61
CA PHE A 28 2.00 4.55 4.91
C PHE A 28 0.64 4.19 5.53
N GLU A 29 -0.35 5.09 5.44
CA GLU A 29 -1.70 4.90 6.01
C GLU A 29 -2.66 4.21 5.03
N ARG A 30 -3.72 3.58 5.55
CA ARG A 30 -4.69 2.80 4.75
C ARG A 30 -5.43 3.67 3.72
N PRO A 31 -5.41 3.36 2.40
CA PRO A 31 -5.99 4.19 1.35
C PRO A 31 -7.53 4.13 1.31
N SER A 32 -8.18 5.29 1.25
CA SER A 32 -9.65 5.43 1.27
C SER A 32 -10.31 5.45 -0.12
N GLY A 33 -9.53 5.67 -1.19
CA GLY A 33 -9.98 5.72 -2.59
C GLY A 33 -10.75 7.00 -2.93
N LYS A 1 -12.15 -3.19 0.63
CA LYS A 1 -11.31 -2.63 1.72
C LYS A 1 -10.42 -1.49 1.22
N LEU A 2 -9.42 -1.76 0.37
CA LEU A 2 -8.63 -0.73 -0.34
C LEU A 2 -9.22 -0.44 -1.74
N PRO A 3 -8.86 0.69 -2.41
CA PRO A 3 -9.26 0.96 -3.80
C PRO A 3 -8.60 -0.01 -4.82
N PRO A 4 -9.00 0.03 -6.10
CA PRO A 4 -8.39 -0.79 -7.15
C PRO A 4 -6.86 -0.64 -7.26
N GLY A 5 -6.18 -1.78 -7.46
CA GLY A 5 -4.73 -1.88 -7.60
C GLY A 5 -3.91 -1.86 -6.29
N TRP A 6 -4.51 -1.51 -5.15
CA TRP A 6 -3.81 -1.43 -3.85
C TRP A 6 -3.73 -2.77 -3.12
N GLU A 7 -2.60 -3.00 -2.43
CA GLU A 7 -2.35 -4.13 -1.54
C GLU A 7 -1.40 -3.74 -0.39
N LYS A 8 -1.48 -4.43 0.76
CA LYS A 8 -0.54 -4.27 1.88
C LYS A 8 0.85 -4.81 1.53
N ARG A 9 1.87 -4.13 2.04
CA ARG A 9 3.31 -4.37 1.83
C ARG A 9 4.10 -4.05 3.10
N MET A 10 5.40 -4.37 3.15
CA MET A 10 6.21 -4.24 4.37
C MET A 10 7.71 -4.07 4.06
N PHE A 11 8.35 -3.15 4.79
CA PHE A 11 9.79 -2.90 4.74
C PHE A 11 10.59 -4.00 5.46
N ALA A 12 11.88 -4.15 5.12
CA ALA A 12 12.78 -5.14 5.73
C ALA A 12 13.02 -4.93 7.24
N ASN A 13 12.71 -3.75 7.77
CA ASN A 13 12.75 -3.42 9.21
C ASN A 13 11.49 -3.87 9.99
N GLY A 14 10.47 -4.42 9.32
CA GLY A 14 9.21 -4.88 9.92
C GLY A 14 8.06 -3.85 9.95
N THR A 15 8.17 -2.73 9.22
CA THR A 15 7.14 -1.67 9.18
C THR A 15 6.20 -1.87 7.99
N VAL A 16 4.89 -1.77 8.21
CA VAL A 16 3.84 -2.05 7.22
C VAL A 16 3.40 -0.78 6.49
N TYR A 17 3.11 -0.89 5.20
CA TYR A 17 2.63 0.17 4.32
C TYR A 17 1.67 -0.37 3.24
N TYR A 18 1.18 0.50 2.37
CA TYR A 18 0.28 0.19 1.25
C TYR A 18 0.93 0.59 -0.07
N PHE A 19 0.82 -0.27 -1.09
CA PHE A 19 1.39 -0.07 -2.43
C PHE A 19 0.38 -0.40 -3.53
N ASN A 20 0.38 0.41 -4.59
CA ASN A 20 -0.47 0.24 -5.76
C ASN A 20 0.32 -0.41 -6.92
N HIS A 21 -0.07 -1.62 -7.33
CA HIS A 21 0.64 -2.38 -8.37
C HIS A 21 0.38 -1.85 -9.80
N ILE A 22 -0.68 -1.06 -9.99
CA ILE A 22 -1.10 -0.48 -11.27
C ILE A 22 -0.40 0.86 -11.55
N THR A 23 -0.26 1.69 -10.50
CA THR A 23 0.25 3.08 -10.61
C THR A 23 1.65 3.28 -10.00
N ASN A 24 2.18 2.27 -9.30
CA ASN A 24 3.41 2.32 -8.49
C ASN A 24 3.39 3.35 -7.34
N ALA A 25 2.21 3.86 -6.95
CA ALA A 25 2.04 4.74 -5.80
C ALA A 25 2.19 3.97 -4.46
N SER A 26 2.49 4.70 -3.38
CA SER A 26 2.60 4.14 -2.02
C SER A 26 2.18 5.15 -0.93
N GLN A 27 1.66 4.62 0.19
CA GLN A 27 1.32 5.35 1.41
C GLN A 27 1.64 4.51 2.66
N PHE A 28 1.96 5.16 3.78
CA PHE A 28 2.09 4.49 5.08
C PHE A 28 0.70 4.24 5.73
N GLU A 29 -0.23 5.19 5.56
CA GLU A 29 -1.62 5.10 6.00
C GLU A 29 -2.53 4.56 4.87
N ARG A 30 -3.74 4.07 5.17
CA ARG A 30 -4.53 3.33 4.17
C ARG A 30 -5.02 4.22 3.00
N PRO A 31 -4.96 3.71 1.75
CA PRO A 31 -5.32 4.45 0.54
C PRO A 31 -6.83 4.76 0.51
N SER A 32 -7.17 6.00 0.15
CA SER A 32 -8.54 6.54 0.26
C SER A 32 -8.99 7.34 -0.98
N GLY A 33 -8.31 7.17 -2.13
CA GLY A 33 -8.58 7.86 -3.40
C GLY A 33 -9.90 7.44 -4.06
N LYS A 1 -11.42 -5.71 0.49
CA LYS A 1 -10.29 -5.43 1.42
C LYS A 1 -9.72 -4.02 1.19
N LEU A 2 -8.88 -3.84 0.15
CA LEU A 2 -8.28 -2.58 -0.28
C LEU A 2 -9.00 -1.99 -1.51
N PRO A 3 -8.83 -0.68 -1.79
CA PRO A 3 -9.39 -0.03 -2.98
C PRO A 3 -8.63 -0.44 -4.27
N PRO A 4 -9.18 -0.16 -5.47
CA PRO A 4 -8.66 -0.67 -6.74
C PRO A 4 -7.15 -0.41 -6.97
N GLY A 5 -6.43 -1.48 -7.31
CA GLY A 5 -4.98 -1.48 -7.58
C GLY A 5 -4.06 -1.55 -6.36
N TRP A 6 -4.56 -1.37 -5.13
CA TRP A 6 -3.76 -1.39 -3.90
C TRP A 6 -3.59 -2.78 -3.30
N GLU A 7 -2.42 -3.04 -2.71
CA GLU A 7 -2.09 -4.21 -1.89
C GLU A 7 -1.18 -3.84 -0.71
N LYS A 8 -1.25 -4.59 0.40
CA LYS A 8 -0.37 -4.44 1.57
C LYS A 8 1.07 -4.82 1.26
N ARG A 9 1.99 -4.11 1.90
CA ARG A 9 3.46 -4.24 1.76
C ARG A 9 4.17 -3.93 3.09
N MET A 10 5.43 -4.35 3.25
CA MET A 10 6.22 -4.04 4.46
C MET A 10 7.73 -4.05 4.22
N PHE A 11 8.42 -3.09 4.85
CA PHE A 11 9.89 -3.04 4.91
C PHE A 11 10.46 -4.18 5.77
N ALA A 12 11.71 -4.57 5.51
CA ALA A 12 12.42 -5.63 6.24
C ALA A 12 12.66 -5.32 7.74
N ASN A 13 12.54 -4.05 8.13
CA ASN A 13 12.58 -3.59 9.53
C ASN A 13 11.27 -3.84 10.32
N GLY A 14 10.21 -4.33 9.66
CA GLY A 14 8.89 -4.58 10.27
C GLY A 14 7.88 -3.44 10.16
N THR A 15 8.11 -2.43 9.30
CA THR A 15 7.18 -1.30 9.10
C THR A 15 6.26 -1.57 7.91
N VAL A 16 4.95 -1.51 8.13
CA VAL A 16 3.91 -1.86 7.14
C VAL A 16 3.42 -0.61 6.40
N TYR A 17 3.15 -0.76 5.10
CA TYR A 17 2.64 0.28 4.18
C TYR A 17 1.71 -0.33 3.10
N TYR A 18 1.25 0.51 2.19
CA TYR A 18 0.34 0.15 1.09
C TYR A 18 0.96 0.59 -0.25
N PHE A 19 0.90 -0.29 -1.26
CA PHE A 19 1.47 -0.08 -2.59
C PHE A 19 0.43 -0.33 -3.68
N ASN A 20 0.42 0.50 -4.72
CA ASN A 20 -0.47 0.39 -5.87
C ASN A 20 0.27 -0.23 -7.07
N HIS A 21 -0.19 -1.40 -7.54
CA HIS A 21 0.47 -2.15 -8.61
C HIS A 21 0.19 -1.59 -10.02
N ILE A 22 -0.87 -0.77 -10.16
CA ILE A 22 -1.30 -0.17 -11.44
C ILE A 22 -0.58 1.16 -11.70
N THR A 23 -0.38 1.96 -10.65
CA THR A 23 0.20 3.32 -10.73
C THR A 23 1.64 3.42 -10.20
N ASN A 24 2.16 2.34 -9.59
CA ASN A 24 3.46 2.27 -8.89
C ASN A 24 3.58 3.26 -7.71
N ALA A 25 2.47 3.79 -7.19
CA ALA A 25 2.42 4.64 -6.01
C ALA A 25 2.56 3.84 -4.69
N SER A 26 2.91 4.51 -3.59
CA SER A 26 2.90 3.93 -2.24
C SER A 26 2.60 4.98 -1.16
N GLN A 27 1.98 4.54 -0.07
CA GLN A 27 1.66 5.37 1.11
C GLN A 27 1.67 4.55 2.41
N PHE A 28 1.97 5.20 3.54
CA PHE A 28 2.08 4.54 4.85
C PHE A 28 0.71 4.26 5.51
N GLU A 29 -0.25 5.17 5.37
CA GLU A 29 -1.58 5.08 6.00
C GLU A 29 -2.61 4.37 5.11
N ARG A 30 -3.69 3.85 5.73
CA ARG A 30 -4.75 3.07 5.06
C ARG A 30 -5.39 3.83 3.88
N PRO A 31 -5.37 3.29 2.63
CA PRO A 31 -6.00 3.91 1.47
C PRO A 31 -7.52 3.66 1.42
N SER A 32 -8.26 4.59 0.83
CA SER A 32 -9.72 4.53 0.63
C SER A 32 -10.15 5.41 -0.55
N GLY A 33 -11.35 5.15 -1.06
CA GLY A 33 -11.99 5.87 -2.18
C GLY A 33 -11.34 5.58 -3.54
N LYS A 1 -11.96 -4.77 0.51
CA LYS A 1 -10.78 -4.44 1.33
C LYS A 1 -10.17 -3.07 0.95
N LEU A 2 -9.32 -3.01 -0.07
CA LEU A 2 -8.57 -1.82 -0.53
C LEU A 2 -9.15 -1.26 -1.85
N PRO A 3 -8.86 0.03 -2.18
CA PRO A 3 -9.25 0.65 -3.44
C PRO A 3 -8.45 0.10 -4.65
N PRO A 4 -8.88 0.38 -5.90
CA PRO A 4 -8.33 -0.26 -7.11
C PRO A 4 -6.79 -0.23 -7.24
N GLY A 5 -6.21 -1.42 -7.39
CA GLY A 5 -4.78 -1.66 -7.55
C GLY A 5 -3.93 -1.61 -6.26
N TRP A 6 -4.48 -1.20 -5.12
CA TRP A 6 -3.77 -1.15 -3.83
C TRP A 6 -3.72 -2.51 -3.11
N GLU A 7 -2.59 -2.79 -2.45
CA GLU A 7 -2.37 -3.96 -1.59
C GLU A 7 -1.45 -3.60 -0.40
N LYS A 8 -1.56 -4.32 0.72
CA LYS A 8 -0.66 -4.19 1.88
C LYS A 8 0.72 -4.79 1.56
N ARG A 9 1.77 -4.10 2.01
CA ARG A 9 3.18 -4.47 1.78
C ARG A 9 4.05 -4.13 3.01
N MET A 10 5.12 -4.90 3.24
CA MET A 10 6.07 -4.68 4.34
C MET A 10 7.42 -4.10 3.90
N PHE A 11 7.98 -3.15 4.68
CA PHE A 11 9.34 -2.64 4.53
C PHE A 11 10.38 -3.62 5.12
N ALA A 12 11.65 -3.49 4.73
CA ALA A 12 12.75 -4.33 5.21
C ALA A 12 13.02 -4.22 6.73
N ASN A 13 12.54 -3.16 7.39
CA ASN A 13 12.60 -2.95 8.84
C ASN A 13 11.42 -3.61 9.62
N GLY A 14 10.49 -4.28 8.94
CA GLY A 14 9.32 -4.93 9.53
C GLY A 14 8.08 -4.05 9.70
N THR A 15 8.04 -2.85 9.09
CA THR A 15 6.90 -1.91 9.18
C THR A 15 5.97 -2.08 7.98
N VAL A 16 4.65 -2.07 8.19
CA VAL A 16 3.63 -2.29 7.15
C VAL A 16 3.14 -0.97 6.56
N TYR A 17 2.94 -0.95 5.25
CA TYR A 17 2.45 0.17 4.44
C TYR A 17 1.53 -0.33 3.30
N TYR A 18 1.08 0.59 2.44
CA TYR A 18 0.16 0.32 1.32
C TYR A 18 0.85 0.71 0.00
N PHE A 19 0.77 -0.18 -0.99
CA PHE A 19 1.41 -0.02 -2.31
C PHE A 19 0.43 -0.35 -3.43
N ASN A 20 0.45 0.44 -4.51
CA ASN A 20 -0.37 0.22 -5.69
C ASN A 20 0.43 -0.47 -6.81
N HIS A 21 0.02 -1.69 -7.20
CA HIS A 21 0.75 -2.49 -8.19
C HIS A 21 0.48 -2.09 -9.65
N ILE A 22 -0.54 -1.26 -9.88
CA ILE A 22 -0.92 -0.74 -11.20
C ILE A 22 -0.15 0.57 -11.52
N THR A 23 0.02 1.44 -10.52
CA THR A 23 0.60 2.79 -10.68
C THR A 23 1.98 2.97 -10.01
N ASN A 24 2.46 1.97 -9.27
CA ASN A 24 3.67 1.99 -8.44
C ASN A 24 3.70 3.06 -7.32
N ALA A 25 2.55 3.63 -6.96
CA ALA A 25 2.39 4.54 -5.82
C ALA A 25 2.52 3.81 -4.47
N SER A 26 2.87 4.53 -3.39
CA SER A 26 2.89 3.99 -2.03
C SER A 26 2.61 5.06 -0.96
N GLN A 27 2.02 4.63 0.16
CA GLN A 27 1.74 5.47 1.33
C GLN A 27 1.67 4.63 2.63
N PHE A 28 1.93 5.25 3.79
CA PHE A 28 2.00 4.56 5.08
C PHE A 28 0.62 4.24 5.69
N GLU A 29 -0.35 5.15 5.56
CA GLU A 29 -1.71 5.00 6.10
C GLU A 29 -2.69 4.35 5.11
N ARG A 30 -3.78 3.73 5.60
CA ARG A 30 -4.74 2.98 4.78
C ARG A 30 -5.45 3.88 3.74
N PRO A 31 -5.42 3.55 2.43
CA PRO A 31 -5.93 4.43 1.36
C PRO A 31 -7.45 4.37 1.21
N SER A 32 -8.07 5.53 0.98
CA SER A 32 -9.53 5.79 0.96
C SER A 32 -10.26 5.53 2.30
N GLY A 33 -11.36 6.27 2.52
CA GLY A 33 -12.21 6.18 3.71
C GLY A 33 -13.37 7.18 3.69
N LYS A 1 -11.62 -3.94 0.21
CA LYS A 1 -11.68 -2.77 1.14
C LYS A 1 -10.80 -1.58 0.70
N LEU A 2 -9.54 -1.80 0.28
CA LEU A 2 -8.72 -0.76 -0.35
C LEU A 2 -9.28 -0.37 -1.75
N PRO A 3 -8.90 0.80 -2.32
CA PRO A 3 -9.23 1.14 -3.71
C PRO A 3 -8.53 0.22 -4.75
N PRO A 4 -8.83 0.33 -6.05
CA PRO A 4 -8.21 -0.48 -7.10
C PRO A 4 -6.68 -0.43 -7.12
N GLY A 5 -6.07 -1.61 -7.24
CA GLY A 5 -4.62 -1.80 -7.37
C GLY A 5 -3.81 -1.81 -6.07
N TRP A 6 -4.36 -1.37 -4.93
CA TRP A 6 -3.65 -1.32 -3.65
C TRP A 6 -3.50 -2.70 -2.96
N GLU A 7 -2.36 -2.93 -2.35
CA GLU A 7 -1.94 -4.16 -1.65
C GLU A 7 -1.12 -3.82 -0.40
N LYS A 8 -1.31 -4.56 0.71
CA LYS A 8 -0.47 -4.46 1.92
C LYS A 8 0.92 -5.05 1.68
N ARG A 9 1.93 -4.32 2.11
CA ARG A 9 3.37 -4.65 1.90
C ARG A 9 4.21 -4.26 3.12
N MET A 10 5.31 -4.98 3.36
CA MET A 10 6.24 -4.75 4.48
C MET A 10 7.57 -4.11 4.06
N PHE A 11 8.07 -3.18 4.88
CA PHE A 11 9.42 -2.61 4.78
C PHE A 11 10.45 -3.59 5.38
N ALA A 12 11.73 -3.42 5.04
CA ALA A 12 12.83 -4.23 5.55
C ALA A 12 13.03 -4.15 7.09
N ASN A 13 12.47 -3.11 7.73
CA ASN A 13 12.47 -2.92 9.19
C ASN A 13 11.29 -3.62 9.92
N GLY A 14 10.38 -4.27 9.18
CA GLY A 14 9.20 -4.97 9.73
C GLY A 14 7.93 -4.11 9.88
N THR A 15 7.89 -2.90 9.31
CA THR A 15 6.71 -2.00 9.36
C THR A 15 5.83 -2.18 8.11
N VAL A 16 4.50 -2.04 8.25
CA VAL A 16 3.52 -2.24 7.16
C VAL A 16 3.17 -0.92 6.48
N TYR A 17 3.01 -0.97 5.16
CA TYR A 17 2.55 0.11 4.27
C TYR A 17 1.65 -0.45 3.15
N TYR A 18 1.17 0.41 2.27
CA TYR A 18 0.32 0.08 1.13
C TYR A 18 0.99 0.49 -0.19
N PHE A 19 1.02 -0.42 -1.17
CA PHE A 19 1.58 -0.21 -2.51
C PHE A 19 0.52 -0.45 -3.58
N ASN A 20 0.48 0.37 -4.64
CA ASN A 20 -0.43 0.23 -5.75
C ASN A 20 0.28 -0.40 -6.97
N HIS A 21 -0.16 -1.58 -7.40
CA HIS A 21 0.48 -2.31 -8.52
C HIS A 21 0.14 -1.74 -9.91
N ILE A 22 -0.94 -0.95 -10.01
CA ILE A 22 -1.43 -0.35 -11.25
C ILE A 22 -0.75 1.01 -11.52
N THR A 23 -0.55 1.80 -10.46
CA THR A 23 -0.04 3.19 -10.53
C THR A 23 1.40 3.36 -10.01
N ASN A 24 2.02 2.28 -9.50
CA ASN A 24 3.32 2.22 -8.83
C ASN A 24 3.50 3.20 -7.64
N ALA A 25 2.41 3.70 -7.06
CA ALA A 25 2.41 4.55 -5.87
C ALA A 25 2.59 3.74 -4.57
N SER A 26 3.00 4.40 -3.48
CA SER A 26 3.02 3.83 -2.13
C SER A 26 2.73 4.88 -1.04
N GLN A 27 2.12 4.43 0.06
CA GLN A 27 1.78 5.28 1.22
C GLN A 27 1.70 4.46 2.53
N PHE A 28 1.95 5.09 3.67
CA PHE A 28 2.03 4.43 4.98
C PHE A 28 0.64 4.23 5.63
N GLU A 29 -0.23 5.24 5.55
CA GLU A 29 -1.61 5.19 6.05
C GLU A 29 -2.55 4.52 5.03
N ARG A 30 -3.71 4.02 5.47
CA ARG A 30 -4.62 3.22 4.62
C ARG A 30 -5.19 4.04 3.44
N PRO A 31 -5.06 3.60 2.18
CA PRO A 31 -5.62 4.30 1.02
C PRO A 31 -7.14 4.26 0.99
N SER A 32 -7.76 5.27 0.39
CA SER A 32 -9.23 5.44 0.28
C SER A 32 -9.57 6.30 -0.94
N GLY A 33 -10.75 6.07 -1.51
CA GLY A 33 -11.27 6.73 -2.73
C GLY A 33 -12.75 6.45 -2.97
N LYS A 1 -11.45 -4.91 -0.03
CA LYS A 1 -11.04 -4.06 1.12
C LYS A 1 -10.45 -2.72 0.64
N LEU A 2 -9.23 -2.71 0.10
CA LEU A 2 -8.59 -1.51 -0.45
C LEU A 2 -9.23 -1.04 -1.78
N PRO A 3 -9.10 0.24 -2.17
CA PRO A 3 -9.52 0.73 -3.49
C PRO A 3 -8.70 0.11 -4.64
N PRO A 4 -9.13 0.26 -5.91
CA PRO A 4 -8.54 -0.46 -7.06
C PRO A 4 -7.02 -0.33 -7.20
N GLY A 5 -6.36 -1.47 -7.39
CA GLY A 5 -4.90 -1.60 -7.56
C GLY A 5 -4.07 -1.58 -6.27
N TRP A 6 -4.63 -1.20 -5.11
CA TRP A 6 -3.91 -1.14 -3.83
C TRP A 6 -3.87 -2.49 -3.08
N GLU A 7 -2.74 -2.78 -2.45
CA GLU A 7 -2.50 -3.98 -1.62
C GLU A 7 -1.48 -3.67 -0.49
N LYS A 8 -1.50 -4.45 0.60
CA LYS A 8 -0.52 -4.32 1.71
C LYS A 8 0.87 -4.76 1.29
N ARG A 9 1.87 -4.07 1.84
CA ARG A 9 3.31 -4.23 1.61
C ARG A 9 4.10 -4.01 2.92
N MET A 10 5.39 -4.35 2.95
CA MET A 10 6.19 -4.31 4.19
C MET A 10 7.70 -4.14 3.91
N PHE A 11 8.37 -3.31 4.72
CA PHE A 11 9.81 -3.12 4.74
C PHE A 11 10.51 -4.17 5.64
N ALA A 12 11.75 -4.51 5.30
CA ALA A 12 12.58 -5.47 6.06
C ALA A 12 12.93 -4.99 7.49
N ASN A 13 12.75 -3.69 7.79
CA ASN A 13 12.91 -3.11 9.12
C ASN A 13 11.71 -3.37 10.08
N GLY A 14 10.62 -3.98 9.59
CA GLY A 14 9.40 -4.27 10.36
C GLY A 14 8.22 -3.31 10.13
N THR A 15 8.32 -2.36 9.20
CA THR A 15 7.29 -1.32 8.95
C THR A 15 6.33 -1.76 7.83
N VAL A 16 5.02 -1.74 8.09
CA VAL A 16 3.96 -2.09 7.13
C VAL A 16 3.42 -0.84 6.43
N TYR A 17 3.09 -0.95 5.15
CA TYR A 17 2.56 0.11 4.30
C TYR A 17 1.60 -0.43 3.22
N TYR A 18 1.10 0.45 2.34
CA TYR A 18 0.20 0.12 1.23
C TYR A 18 0.82 0.58 -0.10
N PHE A 19 0.69 -0.24 -1.14
CA PHE A 19 1.29 -0.03 -2.45
C PHE A 19 0.28 -0.31 -3.57
N ASN A 20 0.30 0.51 -4.62
CA ASN A 20 -0.56 0.38 -5.80
C ASN A 20 0.20 -0.28 -6.96
N HIS A 21 -0.21 -1.49 -7.36
CA HIS A 21 0.53 -2.29 -8.35
C HIS A 21 0.36 -1.79 -9.79
N ILE A 22 -0.68 -0.99 -10.06
CA ILE A 22 -1.03 -0.46 -11.39
C ILE A 22 -0.23 0.82 -11.70
N THR A 23 -0.01 1.67 -10.69
CA THR A 23 0.62 3.01 -10.81
C THR A 23 1.98 3.14 -10.11
N ASN A 24 2.42 2.10 -9.39
CA ASN A 24 3.64 2.05 -8.57
C ASN A 24 3.70 3.07 -7.41
N ALA A 25 2.57 3.68 -7.03
CA ALA A 25 2.46 4.57 -5.87
C ALA A 25 2.49 3.82 -4.53
N SER A 26 2.84 4.50 -3.43
CA SER A 26 2.84 3.92 -2.08
C SER A 26 2.53 4.97 -1.00
N GLN A 27 1.91 4.53 0.11
CA GLN A 27 1.58 5.34 1.28
C GLN A 27 1.54 4.49 2.57
N PHE A 28 1.77 5.11 3.73
CA PHE A 28 1.89 4.41 5.02
C PHE A 28 0.54 4.05 5.65
N GLU A 29 -0.45 4.96 5.61
CA GLU A 29 -1.81 4.75 6.15
C GLU A 29 -2.76 4.14 5.10
N ARG A 30 -3.87 3.53 5.54
CA ARG A 30 -4.77 2.77 4.65
C ARG A 30 -5.41 3.66 3.55
N PRO A 31 -5.30 3.33 2.26
CA PRO A 31 -5.91 4.11 1.17
C PRO A 31 -7.45 3.99 1.15
N SER A 32 -8.12 5.04 0.64
CA SER A 32 -9.60 5.11 0.54
C SER A 32 -10.11 5.85 -0.71
N GLY A 33 -9.24 6.09 -1.71
CA GLY A 33 -9.55 6.83 -2.95
C GLY A 33 -9.82 8.32 -2.74
N LYS A 1 -12.60 -2.58 0.02
CA LYS A 1 -11.81 -2.03 1.16
C LYS A 1 -10.86 -0.92 0.70
N LEU A 2 -9.72 -1.25 0.08
CA LEU A 2 -8.84 -0.28 -0.59
C LEU A 2 -9.38 0.10 -1.99
N PRO A 3 -8.90 1.20 -2.61
CA PRO A 3 -9.20 1.52 -4.02
C PRO A 3 -8.52 0.53 -4.99
N PRO A 4 -8.76 0.62 -6.31
CA PRO A 4 -8.15 -0.25 -7.31
C PRO A 4 -6.61 -0.28 -7.27
N GLY A 5 -6.05 -1.49 -7.33
CA GLY A 5 -4.61 -1.76 -7.41
C GLY A 5 -3.83 -1.78 -6.08
N TRP A 6 -4.41 -1.29 -4.98
CA TRP A 6 -3.73 -1.22 -3.67
C TRP A 6 -3.71 -2.56 -2.93
N GLU A 7 -2.57 -2.88 -2.32
CA GLU A 7 -2.33 -4.07 -1.48
C GLU A 7 -1.30 -3.77 -0.36
N LYS A 8 -1.39 -4.48 0.78
CA LYS A 8 -0.44 -4.35 1.90
C LYS A 8 0.94 -4.93 1.55
N ARG A 9 1.97 -4.28 2.08
CA ARG A 9 3.40 -4.69 1.99
C ARG A 9 4.19 -4.27 3.23
N MET A 10 5.27 -5.00 3.53
CA MET A 10 6.22 -4.67 4.62
C MET A 10 7.54 -4.09 4.12
N PHE A 11 8.07 -3.09 4.84
CA PHE A 11 9.42 -2.56 4.66
C PHE A 11 10.47 -3.55 5.23
N ALA A 12 11.73 -3.40 4.83
CA ALA A 12 12.85 -4.24 5.30
C ALA A 12 13.09 -4.17 6.82
N ASN A 13 12.58 -3.13 7.50
CA ASN A 13 12.63 -2.95 8.95
C ASN A 13 11.45 -3.62 9.72
N GLY A 14 10.50 -4.24 9.02
CA GLY A 14 9.31 -4.90 9.60
C GLY A 14 8.08 -4.00 9.80
N THR A 15 8.04 -2.80 9.22
CA THR A 15 6.90 -1.86 9.31
C THR A 15 5.95 -2.02 8.12
N VAL A 16 4.64 -1.87 8.32
CA VAL A 16 3.59 -2.11 7.31
C VAL A 16 3.21 -0.82 6.57
N TYR A 17 2.99 -0.94 5.26
CA TYR A 17 2.51 0.11 4.36
C TYR A 17 1.63 -0.47 3.24
N TYR A 18 1.16 0.38 2.33
CA TYR A 18 0.30 0.03 1.19
C TYR A 18 0.96 0.45 -0.13
N PHE A 19 0.95 -0.44 -1.12
CA PHE A 19 1.52 -0.23 -2.46
C PHE A 19 0.47 -0.50 -3.54
N ASN A 20 0.46 0.31 -4.59
CA ASN A 20 -0.43 0.17 -5.74
C ASN A 20 0.29 -0.50 -6.91
N HIS A 21 -0.15 -1.69 -7.31
CA HIS A 21 0.49 -2.47 -8.38
C HIS A 21 0.22 -1.93 -9.80
N ILE A 22 -0.82 -1.09 -9.95
CA ILE A 22 -1.27 -0.51 -11.22
C ILE A 22 -0.54 0.82 -11.50
N THR A 23 -0.34 1.64 -10.46
CA THR A 23 0.21 3.01 -10.57
C THR A 23 1.64 3.15 -10.02
N ASN A 24 2.16 2.10 -9.37
CA ASN A 24 3.45 2.08 -8.63
C ASN A 24 3.56 3.09 -7.47
N ALA A 25 2.44 3.65 -7.01
CA ALA A 25 2.38 4.53 -5.84
C ALA A 25 2.51 3.73 -4.52
N SER A 26 2.89 4.41 -3.43
CA SER A 26 2.92 3.84 -2.07
C SER A 26 2.59 4.88 -0.99
N GLN A 27 1.98 4.42 0.11
CA GLN A 27 1.63 5.25 1.28
C GLN A 27 1.59 4.43 2.58
N PHE A 28 1.83 5.07 3.73
CA PHE A 28 1.90 4.41 5.04
C PHE A 28 0.52 4.15 5.67
N GLU A 29 -0.38 5.13 5.61
CA GLU A 29 -1.76 5.01 6.12
C GLU A 29 -2.69 4.31 5.13
N ARG A 30 -3.83 3.76 5.59
CA ARG A 30 -4.71 2.93 4.76
C ARG A 30 -5.36 3.72 3.60
N PRO A 31 -5.24 3.27 2.33
CA PRO A 31 -5.91 3.87 1.18
C PRO A 31 -7.44 3.95 1.29
N SER A 32 -8.03 4.98 0.68
CA SER A 32 -9.48 5.22 0.61
C SER A 32 -9.81 6.09 -0.60
N GLY A 33 -11.05 5.98 -1.10
CA GLY A 33 -11.57 6.67 -2.29
C GLY A 33 -13.10 6.67 -2.35
N LYS A 1 -12.10 -3.90 1.43
CA LYS A 1 -10.79 -3.56 2.07
C LYS A 1 -10.15 -2.31 1.47
N LEU A 2 -9.52 -2.41 0.30
CA LEU A 2 -8.71 -1.37 -0.37
C LEU A 2 -9.32 -0.94 -1.72
N PRO A 3 -8.92 0.22 -2.28
CA PRO A 3 -9.30 0.66 -3.62
C PRO A 3 -8.61 -0.16 -4.73
N PRO A 4 -9.01 -0.02 -6.01
CA PRO A 4 -8.41 -0.74 -7.13
C PRO A 4 -6.88 -0.60 -7.23
N GLY A 5 -6.21 -1.72 -7.44
CA GLY A 5 -4.75 -1.82 -7.60
C GLY A 5 -3.91 -1.77 -6.32
N TRP A 6 -4.48 -1.40 -5.16
CA TRP A 6 -3.77 -1.34 -3.87
C TRP A 6 -3.70 -2.70 -3.16
N GLU A 7 -2.59 -2.94 -2.46
CA GLU A 7 -2.39 -4.06 -1.53
C GLU A 7 -1.42 -3.67 -0.39
N LYS A 8 -1.48 -4.35 0.76
CA LYS A 8 -0.52 -4.21 1.86
C LYS A 8 0.86 -4.72 1.48
N ARG A 9 1.88 -4.01 1.97
CA ARG A 9 3.32 -4.24 1.75
C ARG A 9 4.13 -3.88 3.00
N MET A 10 5.41 -4.23 3.06
CA MET A 10 6.23 -4.07 4.27
C MET A 10 7.73 -3.95 3.98
N PHE A 11 8.40 -3.06 4.70
CA PHE A 11 9.86 -2.89 4.71
C PHE A 11 10.55 -4.05 5.46
N ALA A 12 11.83 -4.30 5.15
CA ALA A 12 12.64 -5.36 5.78
C ALA A 12 12.88 -5.14 7.30
N ASN A 13 12.66 -3.93 7.80
CA ASN A 13 12.71 -3.59 9.23
C ASN A 13 11.43 -3.95 10.01
N GLY A 14 10.39 -4.46 9.34
CA GLY A 14 9.10 -4.85 9.94
C GLY A 14 8.03 -3.75 9.95
N THR A 15 8.19 -2.67 9.16
CA THR A 15 7.22 -1.56 9.07
C THR A 15 6.26 -1.77 7.91
N VAL A 16 4.95 -1.68 8.16
CA VAL A 16 3.88 -1.96 7.18
C VAL A 16 3.41 -0.68 6.48
N TYR A 17 3.11 -0.77 5.19
CA TYR A 17 2.58 0.30 4.34
C TYR A 17 1.64 -0.27 3.24
N TYR A 18 1.16 0.59 2.35
CA TYR A 18 0.24 0.27 1.27
C TYR A 18 0.85 0.67 -0.08
N PHE A 19 0.78 -0.21 -1.08
CA PHE A 19 1.37 -0.03 -2.40
C PHE A 19 0.37 -0.36 -3.50
N ASN A 20 0.38 0.43 -4.58
CA ASN A 20 -0.47 0.25 -5.75
C ASN A 20 0.32 -0.36 -6.91
N HIS A 21 -0.03 -1.58 -7.33
CA HIS A 21 0.70 -2.31 -8.37
C HIS A 21 0.37 -1.85 -9.80
N ILE A 22 -0.71 -1.09 -9.97
CA ILE A 22 -1.15 -0.51 -11.25
C ILE A 22 -0.45 0.84 -11.52
N THR A 23 -0.29 1.67 -10.49
CA THR A 23 0.21 3.06 -10.59
C THR A 23 1.62 3.26 -10.01
N ASN A 24 2.21 2.22 -9.41
CA ASN A 24 3.46 2.22 -8.64
C ASN A 24 3.54 3.25 -7.48
N ALA A 25 2.40 3.75 -7.01
CA ALA A 25 2.30 4.64 -5.84
C ALA A 25 2.42 3.88 -4.51
N SER A 26 2.78 4.57 -3.42
CA SER A 26 2.81 4.03 -2.06
C SER A 26 2.48 5.07 -1.00
N GLN A 27 1.88 4.63 0.12
CA GLN A 27 1.53 5.45 1.28
C GLN A 27 1.49 4.64 2.59
N PHE A 28 1.73 5.28 3.73
CA PHE A 28 1.90 4.61 5.02
C PHE A 28 0.58 4.27 5.74
N GLU A 29 -0.38 5.20 5.76
CA GLU A 29 -1.76 4.96 6.23
C GLU A 29 -2.64 4.42 5.09
N ARG A 30 -3.81 3.81 5.38
CA ARG A 30 -4.58 3.08 4.36
C ARG A 30 -5.15 3.97 3.23
N PRO A 31 -5.17 3.50 1.97
CA PRO A 31 -5.54 4.28 0.79
C PRO A 31 -7.05 4.41 0.60
N SER A 32 -7.49 5.48 -0.07
CA SER A 32 -8.91 5.83 -0.28
C SER A 32 -9.32 5.97 -1.77
N GLY A 33 -8.35 5.95 -2.70
CA GLY A 33 -8.58 6.05 -4.16
C GLY A 33 -7.29 6.16 -4.95
N LYS A 1 -11.62 -4.62 0.21
CA LYS A 1 -11.10 -3.82 1.36
C LYS A 1 -10.43 -2.52 0.91
N LEU A 2 -9.24 -2.59 0.30
CA LEU A 2 -8.56 -1.43 -0.30
C LEU A 2 -9.21 -1.03 -1.65
N PRO A 3 -9.07 0.24 -2.10
CA PRO A 3 -9.52 0.67 -3.43
C PRO A 3 -8.67 0.05 -4.57
N PRO A 4 -9.10 0.18 -5.84
CA PRO A 4 -8.49 -0.54 -6.97
C PRO A 4 -6.96 -0.37 -7.11
N GLY A 5 -6.28 -1.49 -7.32
CA GLY A 5 -4.82 -1.57 -7.51
C GLY A 5 -3.98 -1.65 -6.24
N TRP A 6 -4.53 -1.32 -5.06
CA TRP A 6 -3.79 -1.28 -3.79
C TRP A 6 -3.67 -2.64 -3.09
N GLU A 7 -2.51 -2.89 -2.48
CA GLU A 7 -2.12 -4.11 -1.77
C GLU A 7 -1.21 -3.78 -0.56
N LYS A 8 -1.30 -4.55 0.54
CA LYS A 8 -0.41 -4.41 1.70
C LYS A 8 1.01 -4.90 1.42
N ARG A 9 1.97 -4.21 2.01
CA ARG A 9 3.42 -4.48 2.01
C ARG A 9 4.04 -4.24 3.39
N MET A 10 5.33 -4.49 3.44
CA MET A 10 6.17 -4.35 4.64
C MET A 10 7.65 -4.11 4.30
N PHE A 11 8.28 -3.17 5.01
CA PHE A 11 9.73 -2.87 4.92
C PHE A 11 10.57 -3.93 5.66
N ALA A 12 11.86 -4.01 5.33
CA ALA A 12 12.80 -4.95 5.95
C ALA A 12 13.00 -4.76 7.48
N ASN A 13 12.63 -3.58 8.00
CA ASN A 13 12.63 -3.26 9.44
C ASN A 13 11.36 -3.72 10.20
N GLY A 14 10.37 -4.29 9.50
CA GLY A 14 9.10 -4.76 10.08
C GLY A 14 7.95 -3.74 10.10
N THR A 15 8.07 -2.62 9.38
CA THR A 15 7.03 -1.56 9.31
C THR A 15 6.12 -1.77 8.10
N VAL A 16 4.81 -1.58 8.26
CA VAL A 16 3.78 -1.89 7.24
C VAL A 16 3.44 -0.67 6.38
N TYR A 17 3.17 -0.90 5.09
CA TYR A 17 2.71 0.12 4.14
C TYR A 17 1.75 -0.46 3.08
N TYR A 18 1.27 0.38 2.18
CA TYR A 18 0.38 0.03 1.07
C TYR A 18 1.00 0.47 -0.27
N PHE A 19 0.90 -0.37 -1.29
CA PHE A 19 1.46 -0.17 -2.63
C PHE A 19 0.40 -0.40 -3.71
N ASN A 20 0.40 0.43 -4.76
CA ASN A 20 -0.49 0.31 -5.90
C ASN A 20 0.24 -0.34 -7.10
N HIS A 21 -0.22 -1.51 -7.55
CA HIS A 21 0.41 -2.25 -8.64
C HIS A 21 0.13 -1.68 -10.05
N ILE A 22 -0.91 -0.84 -10.18
CA ILE A 22 -1.35 -0.23 -11.44
C ILE A 22 -0.64 1.11 -11.68
N THR A 23 -0.45 1.91 -10.63
CA THR A 23 0.11 3.27 -10.69
C THR A 23 1.54 3.40 -10.14
N ASN A 24 2.08 2.32 -9.55
CA ASN A 24 3.37 2.26 -8.86
C ASN A 24 3.51 3.21 -7.63
N ALA A 25 2.40 3.76 -7.14
CA ALA A 25 2.37 4.60 -5.93
C ALA A 25 2.53 3.78 -4.64
N SER A 26 2.91 4.44 -3.54
CA SER A 26 2.94 3.86 -2.19
C SER A 26 2.62 4.88 -1.09
N GLN A 27 2.02 4.43 0.01
CA GLN A 27 1.67 5.25 1.18
C GLN A 27 1.68 4.43 2.49
N PHE A 28 1.92 5.07 3.63
CA PHE A 28 2.04 4.41 4.94
C PHE A 28 0.69 4.11 5.61
N GLU A 29 -0.22 5.09 5.58
CA GLU A 29 -1.60 4.96 6.08
C GLU A 29 -2.50 4.24 5.06
N ARG A 30 -3.70 3.81 5.47
CA ARG A 30 -4.59 2.96 4.64
C ARG A 30 -5.24 3.77 3.50
N PRO A 31 -5.14 3.35 2.22
CA PRO A 31 -5.82 4.04 1.11
C PRO A 31 -7.34 3.92 1.24
N SER A 32 -8.05 5.05 1.10
CA SER A 32 -9.49 5.19 1.37
C SER A 32 -9.94 4.71 2.77
N GLY A 33 -9.05 4.76 3.77
CA GLY A 33 -9.31 4.39 5.17
C GLY A 33 -10.30 5.32 5.87
N LYS A 1 -11.91 -4.34 -0.23
CA LYS A 1 -11.39 -3.64 0.98
C LYS A 1 -10.66 -2.34 0.60
N LEU A 2 -9.45 -2.41 0.03
CA LEU A 2 -8.74 -1.25 -0.52
C LEU A 2 -9.35 -0.79 -1.86
N PRO A 3 -9.14 0.48 -2.29
CA PRO A 3 -9.53 0.93 -3.63
C PRO A 3 -8.66 0.29 -4.74
N PRO A 4 -9.03 0.42 -6.04
CA PRO A 4 -8.40 -0.33 -7.13
C PRO A 4 -6.87 -0.23 -7.22
N GLY A 5 -6.22 -1.38 -7.39
CA GLY A 5 -4.76 -1.53 -7.53
C GLY A 5 -3.97 -1.58 -6.22
N TRP A 6 -4.54 -1.19 -5.08
CA TRP A 6 -3.86 -1.14 -3.78
C TRP A 6 -3.86 -2.48 -3.04
N GLU A 7 -2.72 -2.81 -2.42
CA GLU A 7 -2.50 -4.00 -1.57
C GLU A 7 -1.46 -3.71 -0.47
N LYS A 8 -1.49 -4.46 0.65
CA LYS A 8 -0.50 -4.35 1.72
C LYS A 8 0.89 -4.83 1.28
N ARG A 9 1.90 -4.15 1.81
CA ARG A 9 3.34 -4.39 1.60
C ARG A 9 4.15 -4.05 2.87
N MET A 10 5.43 -4.41 2.94
CA MET A 10 6.22 -4.34 4.18
C MET A 10 7.72 -4.20 3.92
N PHE A 11 8.37 -3.33 4.71
CA PHE A 11 9.83 -3.12 4.73
C PHE A 11 10.54 -4.15 5.64
N ALA A 12 11.79 -4.49 5.32
CA ALA A 12 12.62 -5.42 6.10
C ALA A 12 12.96 -4.92 7.52
N ASN A 13 12.77 -3.62 7.79
CA ASN A 13 12.90 -3.02 9.13
C ASN A 13 11.70 -3.29 10.07
N GLY A 14 10.63 -3.92 9.59
CA GLY A 14 9.41 -4.23 10.35
C GLY A 14 8.23 -3.29 10.12
N THR A 15 8.31 -2.34 9.17
CA THR A 15 7.26 -1.34 8.92
C THR A 15 6.31 -1.78 7.81
N VAL A 16 4.99 -1.79 8.08
CA VAL A 16 3.94 -2.15 7.12
C VAL A 16 3.36 -0.90 6.45
N TYR A 17 3.04 -1.01 5.16
CA TYR A 17 2.51 0.06 4.31
C TYR A 17 1.57 -0.48 3.21
N TYR A 18 1.08 0.40 2.34
CA TYR A 18 0.20 0.07 1.22
C TYR A 18 0.83 0.53 -0.11
N PHE A 19 0.77 -0.33 -1.13
CA PHE A 19 1.38 -0.13 -2.45
C PHE A 19 0.37 -0.41 -3.56
N ASN A 20 0.40 0.41 -4.62
CA ASN A 20 -0.45 0.27 -5.79
C ASN A 20 0.32 -0.42 -6.93
N HIS A 21 -0.12 -1.60 -7.34
CA HIS A 21 0.56 -2.40 -8.36
C HIS A 21 0.33 -1.89 -9.80
N ILE A 22 -0.70 -1.05 -9.99
CA ILE A 22 -1.10 -0.48 -11.30
C ILE A 22 -0.37 0.84 -11.57
N THR A 23 -0.22 1.68 -10.53
CA THR A 23 0.32 3.06 -10.64
C THR A 23 1.72 3.23 -10.05
N ASN A 24 2.28 2.19 -9.43
CA ASN A 24 3.56 2.18 -8.70
C ASN A 24 3.63 3.15 -7.49
N ALA A 25 2.49 3.68 -7.04
CA ALA A 25 2.39 4.55 -5.87
C ALA A 25 2.50 3.78 -4.53
N SER A 26 2.83 4.47 -3.44
CA SER A 26 2.85 3.91 -2.08
C SER A 26 2.48 4.95 -1.01
N GLN A 27 1.87 4.48 0.09
CA GLN A 27 1.52 5.30 1.26
C GLN A 27 1.50 4.46 2.55
N PHE A 28 1.71 5.08 3.71
CA PHE A 28 1.86 4.38 5.00
C PHE A 28 0.51 4.05 5.66
N GLU A 29 -0.45 4.98 5.62
CA GLU A 29 -1.81 4.82 6.15
C GLU A 29 -2.76 4.19 5.10
N ARG A 30 -3.89 3.63 5.53
CA ARG A 30 -4.78 2.85 4.65
C ARG A 30 -5.40 3.72 3.53
N PRO A 31 -5.30 3.34 2.24
CA PRO A 31 -5.94 4.06 1.14
C PRO A 31 -7.47 3.87 1.14
N SER A 32 -8.20 4.86 0.60
CA SER A 32 -9.67 4.85 0.47
C SER A 32 -10.11 5.70 -0.72
N GLY A 33 -11.17 5.25 -1.42
CA GLY A 33 -11.74 5.89 -2.61
C GLY A 33 -12.52 7.17 -2.31
N LYS A 1 -11.44 -5.12 -0.44
CA LYS A 1 -10.83 -4.11 0.47
C LYS A 1 -9.79 -3.27 -0.29
N LEU A 2 -9.49 -2.05 0.19
CA LEU A 2 -8.71 -0.98 -0.46
C LEU A 2 -9.30 -0.49 -1.82
N PRO A 3 -8.89 0.67 -2.35
CA PRO A 3 -9.23 1.11 -3.70
C PRO A 3 -8.56 0.25 -4.81
N PRO A 4 -8.89 0.46 -6.10
CA PRO A 4 -8.29 -0.27 -7.20
C PRO A 4 -6.75 -0.26 -7.23
N GLY A 5 -6.17 -1.45 -7.36
CA GLY A 5 -4.72 -1.67 -7.50
C GLY A 5 -3.92 -1.74 -6.19
N TRP A 6 -4.47 -1.34 -5.03
CA TRP A 6 -3.76 -1.33 -3.75
C TRP A 6 -3.64 -2.71 -3.10
N GLU A 7 -2.49 -2.97 -2.47
CA GLU A 7 -2.12 -4.22 -1.77
C GLU A 7 -1.24 -3.89 -0.54
N LYS A 8 -1.37 -4.65 0.56
CA LYS A 8 -0.51 -4.52 1.74
C LYS A 8 0.90 -5.05 1.50
N ARG A 9 1.86 -4.35 2.10
CA ARG A 9 3.31 -4.63 2.13
C ARG A 9 3.89 -4.38 3.52
N MET A 10 5.20 -4.55 3.59
CA MET A 10 6.02 -4.28 4.77
C MET A 10 7.48 -3.99 4.40
N PHE A 11 8.10 -2.98 5.01
CA PHE A 11 9.53 -2.68 4.90
C PHE A 11 10.38 -3.69 5.68
N ALA A 12 11.66 -3.85 5.31
CA ALA A 12 12.60 -4.79 5.95
C ALA A 12 12.86 -4.50 7.45
N ASN A 13 12.54 -3.29 7.91
CA ASN A 13 12.60 -2.89 9.33
C ASN A 13 11.36 -3.32 10.16
N GLY A 14 10.34 -3.93 9.52
CA GLY A 14 9.10 -4.37 10.16
C GLY A 14 7.90 -3.40 10.04
N THR A 15 8.01 -2.34 9.23
CA THR A 15 6.96 -1.30 9.12
C THR A 15 6.01 -1.58 7.95
N VAL A 16 4.78 -2.00 8.24
CA VAL A 16 3.65 -2.12 7.30
C VAL A 16 3.49 -0.90 6.39
N TYR A 17 3.19 -1.11 5.11
CA TYR A 17 2.78 -0.06 4.15
C TYR A 17 1.79 -0.60 3.11
N TYR A 18 1.34 0.26 2.19
CA TYR A 18 0.43 -0.07 1.09
C TYR A 18 1.04 0.35 -0.26
N PHE A 19 0.95 -0.51 -1.27
CA PHE A 19 1.50 -0.30 -2.62
C PHE A 19 0.40 -0.48 -3.67
N ASN A 20 0.40 0.35 -4.71
CA ASN A 20 -0.52 0.27 -5.84
C ASN A 20 0.18 -0.31 -7.08
N HIS A 21 -0.28 -1.47 -7.57
CA HIS A 21 0.33 -2.16 -8.71
C HIS A 21 -0.02 -1.53 -10.08
N ILE A 22 -1.09 -0.74 -10.14
CA ILE A 22 -1.61 -0.09 -11.36
C ILE A 22 -0.92 1.27 -11.58
N THR A 23 -0.70 2.03 -10.51
CA THR A 23 -0.14 3.40 -10.54
C THR A 23 1.33 3.49 -10.07
N ASN A 24 1.88 2.38 -9.57
CA ASN A 24 3.22 2.27 -8.96
C ASN A 24 3.46 3.17 -7.73
N ALA A 25 2.39 3.71 -7.11
CA ALA A 25 2.45 4.51 -5.90
C ALA A 25 2.62 3.65 -4.63
N SER A 26 3.07 4.26 -3.53
CA SER A 26 3.09 3.65 -2.19
C SER A 26 2.88 4.69 -1.08
N GLN A 27 2.28 4.26 0.04
CA GLN A 27 2.01 5.09 1.21
C GLN A 27 1.96 4.27 2.51
N PHE A 28 2.22 4.89 3.66
CA PHE A 28 2.25 4.22 4.97
C PHE A 28 0.85 3.93 5.54
N GLU A 29 -0.08 4.89 5.42
CA GLU A 29 -1.45 4.78 5.98
C GLU A 29 -2.40 4.03 5.04
N ARG A 30 -3.48 3.45 5.60
CA ARG A 30 -4.46 2.66 4.84
C ARG A 30 -5.22 3.52 3.79
N PRO A 31 -5.21 3.16 2.49
CA PRO A 31 -5.82 3.94 1.42
C PRO A 31 -7.35 3.74 1.34
N SER A 32 -8.08 4.79 0.95
CA SER A 32 -9.54 4.79 0.81
C SER A 32 -9.98 5.84 -0.22
N GLY A 33 -11.10 5.58 -0.90
CA GLY A 33 -11.68 6.41 -1.96
C GLY A 33 -13.09 5.96 -2.37
N LYS A 1 -11.95 -3.61 0.60
CA LYS A 1 -11.12 -3.03 1.69
C LYS A 1 -10.32 -1.80 1.20
N LEU A 2 -9.31 -1.99 0.35
CA LEU A 2 -8.56 -0.91 -0.31
C LEU A 2 -9.15 -0.58 -1.71
N PRO A 3 -8.82 0.58 -2.33
CA PRO A 3 -9.24 0.91 -3.69
C PRO A 3 -8.56 0.03 -4.76
N PRO A 4 -8.98 0.11 -6.05
CA PRO A 4 -8.39 -0.68 -7.14
C PRO A 4 -6.87 -0.57 -7.26
N GLY A 5 -6.21 -1.73 -7.38
CA GLY A 5 -4.76 -1.88 -7.52
C GLY A 5 -3.93 -1.79 -6.22
N TRP A 6 -4.51 -1.37 -5.09
CA TRP A 6 -3.81 -1.28 -3.80
C TRP A 6 -3.76 -2.63 -3.05
N GLU A 7 -2.64 -2.90 -2.40
CA GLU A 7 -2.40 -4.07 -1.53
C GLU A 7 -1.41 -3.72 -0.40
N LYS A 8 -1.46 -4.44 0.73
CA LYS A 8 -0.51 -4.30 1.83
C LYS A 8 0.89 -4.80 1.45
N ARG A 9 1.90 -4.11 1.97
CA ARG A 9 3.34 -4.32 1.75
C ARG A 9 4.13 -3.98 3.01
N MET A 10 5.42 -4.32 3.09
CA MET A 10 6.23 -4.17 4.30
C MET A 10 7.73 -4.01 3.99
N PHE A 11 8.40 -3.11 4.72
CA PHE A 11 9.84 -2.89 4.69
C PHE A 11 10.61 -4.01 5.43
N ALA A 12 11.89 -4.20 5.10
CA ALA A 12 12.76 -5.20 5.73
C ALA A 12 12.99 -4.99 7.24
N ASN A 13 12.72 -3.79 7.76
CA ASN A 13 12.75 -3.45 9.19
C ASN A 13 11.46 -3.83 9.96
N GLY A 14 10.45 -4.38 9.28
CA GLY A 14 9.16 -4.78 9.87
C GLY A 14 8.06 -3.70 9.88
N THR A 15 8.21 -2.62 9.10
CA THR A 15 7.23 -1.52 9.04
C THR A 15 6.26 -1.73 7.87
N VAL A 16 4.95 -1.70 8.14
CA VAL A 16 3.88 -2.02 7.18
C VAL A 16 3.34 -0.76 6.49
N TYR A 17 3.03 -0.86 5.20
CA TYR A 17 2.49 0.20 4.35
C TYR A 17 1.57 -0.37 3.25
N TYR A 18 1.05 0.50 2.38
CA TYR A 18 0.18 0.16 1.25
C TYR A 18 0.82 0.59 -0.06
N PHE A 19 0.75 -0.28 -1.08
CA PHE A 19 1.35 -0.08 -2.40
C PHE A 19 0.34 -0.38 -3.52
N ASN A 20 0.34 0.44 -4.56
CA ASN A 20 -0.53 0.29 -5.73
C ASN A 20 0.25 -0.32 -6.91
N HIS A 21 -0.11 -1.54 -7.32
CA HIS A 21 0.65 -2.30 -8.33
C HIS A 21 0.42 -1.78 -9.77
N ILE A 22 -0.68 -1.06 -10.00
CA ILE A 22 -1.08 -0.53 -11.32
C ILE A 22 -0.35 0.79 -11.62
N THR A 23 -0.17 1.64 -10.61
CA THR A 23 0.38 3.01 -10.73
C THR A 23 1.76 3.19 -10.08
N ASN A 24 2.28 2.17 -9.38
CA ASN A 24 3.53 2.19 -8.61
C ASN A 24 3.58 3.24 -7.46
N ALA A 25 2.41 3.69 -6.99
CA ALA A 25 2.28 4.58 -5.83
C ALA A 25 2.41 3.82 -4.49
N SER A 26 2.74 4.52 -3.39
CA SER A 26 2.75 3.96 -2.04
C SER A 26 2.43 5.00 -0.95
N GLN A 27 1.83 4.55 0.16
CA GLN A 27 1.50 5.38 1.32
C GLN A 27 1.43 4.55 2.63
N PHE A 28 1.66 5.18 3.79
CA PHE A 28 1.82 4.49 5.07
C PHE A 28 0.47 4.18 5.77
N GLU A 29 -0.41 5.17 5.86
CA GLU A 29 -1.81 5.01 6.30
C GLU A 29 -2.67 4.48 5.14
N ARG A 30 -3.87 3.91 5.42
CA ARG A 30 -4.61 3.19 4.36
C ARG A 30 -5.14 4.09 3.22
N PRO A 31 -5.08 3.63 1.96
CA PRO A 31 -5.46 4.41 0.77
C PRO A 31 -6.98 4.58 0.63
N SER A 32 -7.39 5.70 0.01
CA SER A 32 -8.81 6.07 -0.19
C SER A 32 -9.16 6.46 -1.65
N GLY A 33 -8.21 6.33 -2.59
CA GLY A 33 -8.39 6.60 -4.02
C GLY A 33 -7.09 6.48 -4.82
N LYS A 1 -11.60 -4.98 -0.12
CA LYS A 1 -11.01 -4.32 1.07
C LYS A 1 -10.40 -2.96 0.73
N LEU A 2 -9.28 -2.92 0.01
CA LEU A 2 -8.65 -1.68 -0.48
C LEU A 2 -9.28 -1.20 -1.82
N PRO A 3 -9.16 0.11 -2.15
CA PRO A 3 -9.53 0.64 -3.47
C PRO A 3 -8.65 0.07 -4.62
N PRO A 4 -9.02 0.27 -5.90
CA PRO A 4 -8.39 -0.40 -7.04
C PRO A 4 -6.86 -0.26 -7.11
N GLY A 5 -6.19 -1.40 -7.33
CA GLY A 5 -4.73 -1.51 -7.47
C GLY A 5 -3.92 -1.59 -6.16
N TRP A 6 -4.49 -1.19 -5.02
CA TRP A 6 -3.80 -1.15 -3.73
C TRP A 6 -3.76 -2.51 -3.01
N GLU A 7 -2.62 -2.81 -2.38
CA GLU A 7 -2.38 -4.01 -1.55
C GLU A 7 -1.35 -3.71 -0.43
N LYS A 8 -1.40 -4.43 0.69
CA LYS A 8 -0.42 -4.31 1.78
C LYS A 8 0.97 -4.83 1.41
N ARG A 9 1.97 -4.15 1.95
CA ARG A 9 3.42 -4.44 1.82
C ARG A 9 4.16 -4.04 3.10
N MET A 10 5.45 -4.38 3.23
CA MET A 10 6.24 -4.16 4.44
C MET A 10 7.74 -4.04 4.15
N PHE A 11 8.42 -3.12 4.83
CA PHE A 11 9.88 -2.96 4.82
C PHE A 11 10.58 -4.05 5.64
N ALA A 12 11.86 -4.32 5.34
CA ALA A 12 12.67 -5.34 6.03
C ALA A 12 12.87 -5.06 7.54
N ASN A 13 12.65 -3.82 7.99
CA ASN A 13 12.69 -3.41 9.40
C ASN A 13 11.38 -3.72 10.19
N GLY A 14 10.34 -4.23 9.52
CA GLY A 14 9.03 -4.55 10.12
C GLY A 14 7.97 -3.44 10.04
N THR A 15 8.16 -2.42 9.20
CA THR A 15 7.21 -1.30 9.04
C THR A 15 6.26 -1.55 7.87
N VAL A 16 4.95 -1.50 8.11
CA VAL A 16 3.90 -1.86 7.14
C VAL A 16 3.39 -0.63 6.39
N TYR A 17 3.09 -0.80 5.10
CA TYR A 17 2.57 0.24 4.20
C TYR A 17 1.65 -0.37 3.12
N TYR A 18 1.12 0.48 2.25
CA TYR A 18 0.24 0.12 1.13
C TYR A 18 0.90 0.55 -0.19
N PHE A 19 0.89 -0.36 -1.18
CA PHE A 19 1.48 -0.17 -2.50
C PHE A 19 0.42 -0.42 -3.60
N ASN A 20 0.44 0.40 -4.65
CA ASN A 20 -0.44 0.27 -5.80
C ASN A 20 0.28 -0.35 -7.00
N HIS A 21 -0.16 -1.53 -7.44
CA HIS A 21 0.49 -2.28 -8.51
C HIS A 21 0.19 -1.73 -9.92
N ILE A 22 -0.85 -0.90 -10.07
CA ILE A 22 -1.30 -0.31 -11.33
C ILE A 22 -0.57 1.02 -11.59
N THR A 23 -0.38 1.83 -10.55
CA THR A 23 0.18 3.20 -10.63
C THR A 23 1.62 3.31 -10.13
N ASN A 24 2.18 2.24 -9.55
CA ASN A 24 3.48 2.19 -8.85
C ASN A 24 3.60 3.15 -7.64
N ALA A 25 2.48 3.68 -7.13
CA ALA A 25 2.43 4.55 -5.95
C ALA A 25 2.55 3.77 -4.63
N SER A 26 2.89 4.46 -3.54
CA SER A 26 2.90 3.90 -2.18
C SER A 26 2.58 4.96 -1.11
N GLN A 27 1.97 4.52 0.00
CA GLN A 27 1.68 5.34 1.18
C GLN A 27 1.62 4.50 2.46
N PHE A 28 1.91 5.10 3.61
CA PHE A 28 2.00 4.39 4.90
C PHE A 28 0.63 4.01 5.50
N GLU A 29 -0.37 4.88 5.35
CA GLU A 29 -1.71 4.72 5.94
C GLU A 29 -2.71 4.05 4.97
N ARG A 30 -3.76 3.40 5.51
CA ARG A 30 -4.73 2.60 4.74
C ARG A 30 -5.53 3.48 3.74
N PRO A 31 -5.46 3.22 2.42
CA PRO A 31 -6.04 4.09 1.39
C PRO A 31 -7.58 4.04 1.36
N SER A 32 -8.22 5.21 1.25
CA SER A 32 -9.69 5.38 1.28
C SER A 32 -10.38 4.76 2.51
N GLY A 33 -9.72 4.77 3.68
CA GLY A 33 -10.26 4.33 4.97
C GLY A 33 -11.39 5.21 5.50
N LYS A 1 -11.44 -5.37 0.73
CA LYS A 1 -10.30 -5.04 1.64
C LYS A 1 -9.74 -3.64 1.32
N LEU A 2 -8.88 -3.51 0.31
CA LEU A 2 -8.26 -2.27 -0.17
C LEU A 2 -8.98 -1.73 -1.43
N PRO A 3 -8.80 -0.44 -1.78
CA PRO A 3 -9.38 0.16 -2.98
C PRO A 3 -8.65 -0.28 -4.27
N PRO A 4 -9.22 -0.03 -5.47
CA PRO A 4 -8.71 -0.57 -6.73
C PRO A 4 -7.21 -0.30 -6.99
N GLY A 5 -6.49 -1.38 -7.33
CA GLY A 5 -5.05 -1.37 -7.61
C GLY A 5 -4.13 -1.46 -6.39
N TRP A 6 -4.62 -1.23 -5.17
CA TRP A 6 -3.80 -1.26 -3.94
C TRP A 6 -3.68 -2.66 -3.33
N GLU A 7 -2.52 -2.95 -2.72
CA GLU A 7 -2.25 -4.15 -1.91
C GLU A 7 -1.27 -3.84 -0.76
N LYS A 8 -1.30 -4.61 0.33
CA LYS A 8 -0.36 -4.51 1.45
C LYS A 8 1.05 -4.95 1.08
N ARG A 9 2.04 -4.28 1.67
CA ARG A 9 3.48 -4.53 1.55
C ARG A 9 4.21 -4.17 2.86
N MET A 10 5.49 -4.52 3.00
CA MET A 10 6.22 -4.42 4.27
C MET A 10 7.74 -4.27 4.07
N PHE A 11 8.36 -3.39 4.87
CA PHE A 11 9.81 -3.16 4.95
C PHE A 11 10.49 -4.17 5.88
N ALA A 12 11.78 -4.47 5.61
CA ALA A 12 12.60 -5.37 6.42
C ALA A 12 12.87 -4.88 7.86
N ASN A 13 12.64 -3.58 8.14
CA ASN A 13 12.71 -2.99 9.48
C ASN A 13 11.47 -3.26 10.37
N GLY A 14 10.43 -3.93 9.83
CA GLY A 14 9.19 -4.24 10.54
C GLY A 14 8.00 -3.31 10.27
N THR A 15 8.12 -2.37 9.32
CA THR A 15 7.08 -1.36 9.03
C THR A 15 6.17 -1.83 7.88
N VAL A 16 4.85 -1.83 8.09
CA VAL A 16 3.84 -2.20 7.09
C VAL A 16 3.30 -0.96 6.37
N TYR A 17 3.05 -1.08 5.06
CA TYR A 17 2.55 -0.02 4.18
C TYR A 17 1.66 -0.58 3.05
N TYR A 18 1.18 0.30 2.18
CA TYR A 18 0.33 -0.03 1.04
C TYR A 18 0.95 0.44 -0.28
N PHE A 19 0.89 -0.38 -1.32
CA PHE A 19 1.47 -0.12 -2.65
C PHE A 19 0.42 -0.38 -3.75
N ASN A 20 0.40 0.48 -4.77
CA ASN A 20 -0.50 0.37 -5.92
C ASN A 20 0.21 -0.30 -7.10
N HIS A 21 -0.29 -1.45 -7.55
CA HIS A 21 0.35 -2.23 -8.62
C HIS A 21 0.11 -1.65 -10.03
N ILE A 22 -0.89 -0.77 -10.19
CA ILE A 22 -1.29 -0.14 -11.45
C ILE A 22 -0.53 1.17 -11.69
N THR A 23 -0.34 1.97 -10.64
CA THR A 23 0.28 3.31 -10.70
C THR A 23 1.71 3.36 -10.13
N ASN A 24 2.14 2.30 -9.43
CA ASN A 24 3.42 2.18 -8.71
C ASN A 24 3.62 3.22 -7.58
N ALA A 25 2.54 3.84 -7.10
CA ALA A 25 2.53 4.68 -5.91
C ALA A 25 2.59 3.85 -4.61
N SER A 26 2.99 4.46 -3.50
CA SER A 26 3.00 3.83 -2.16
C SER A 26 2.71 4.84 -1.06
N GLN A 27 2.04 4.39 0.01
CA GLN A 27 1.73 5.21 1.20
C GLN A 27 1.66 4.36 2.49
N PHE A 28 1.99 4.97 3.63
CA PHE A 28 2.02 4.30 4.94
C PHE A 28 0.63 4.18 5.60
N GLU A 29 -0.22 5.20 5.46
CA GLU A 29 -1.56 5.24 6.05
C GLU A 29 -2.63 4.63 5.12
N ARG A 30 -3.77 4.23 5.69
CA ARG A 30 -4.85 3.49 4.99
C ARG A 30 -5.37 4.23 3.74
N PRO A 31 -5.30 3.64 2.52
CA PRO A 31 -5.85 4.23 1.30
C PRO A 31 -7.38 4.10 1.24
N SER A 32 -8.06 5.13 0.72
CA SER A 32 -9.53 5.23 0.67
C SER A 32 -10.11 5.37 -0.74
N GLY A 33 -9.27 5.31 -1.79
CA GLY A 33 -9.65 5.45 -3.21
C GLY A 33 -10.11 6.86 -3.58
N LYS A 1 -11.24 -5.55 -0.08
CA LYS A 1 -10.54 -4.94 1.08
C LYS A 1 -10.01 -3.53 0.75
N LEU A 2 -8.94 -3.42 -0.05
CA LEU A 2 -8.37 -2.14 -0.51
C LEU A 2 -9.11 -1.58 -1.74
N PRO A 3 -9.01 -0.26 -2.03
CA PRO A 3 -9.48 0.33 -3.28
C PRO A 3 -8.68 -0.18 -4.51
N PRO A 4 -9.15 0.05 -5.76
CA PRO A 4 -8.59 -0.55 -6.96
C PRO A 4 -7.07 -0.39 -7.13
N GLY A 5 -6.39 -1.52 -7.36
CA GLY A 5 -4.93 -1.61 -7.57
C GLY A 5 -4.07 -1.60 -6.31
N TRP A 6 -4.62 -1.29 -5.12
CA TRP A 6 -3.87 -1.24 -3.85
C TRP A 6 -3.75 -2.59 -3.16
N GLU A 7 -2.63 -2.83 -2.48
CA GLU A 7 -2.31 -4.02 -1.70
C GLU A 7 -1.36 -3.69 -0.52
N LYS A 8 -1.40 -4.47 0.56
CA LYS A 8 -0.49 -4.34 1.71
C LYS A 8 0.94 -4.80 1.38
N ARG A 9 1.89 -4.09 1.97
CA ARG A 9 3.35 -4.18 1.80
C ARG A 9 4.08 -4.00 3.14
N MET A 10 5.38 -4.30 3.19
CA MET A 10 6.19 -4.16 4.41
C MET A 10 7.69 -3.97 4.09
N PHE A 11 8.35 -3.07 4.83
CA PHE A 11 9.80 -2.87 4.81
C PHE A 11 10.55 -4.01 5.54
N ALA A 12 11.82 -4.23 5.21
CA ALA A 12 12.67 -5.25 5.84
C ALA A 12 12.90 -5.04 7.35
N ASN A 13 12.65 -3.82 7.85
CA ASN A 13 12.70 -3.48 9.29
C ASN A 13 11.42 -3.85 10.07
N GLY A 14 10.37 -4.36 9.40
CA GLY A 14 9.09 -4.76 10.01
C GLY A 14 8.00 -3.66 10.00
N THR A 15 8.15 -2.58 9.23
CA THR A 15 7.18 -1.48 9.14
C THR A 15 6.23 -1.70 7.96
N VAL A 16 4.91 -1.60 8.19
CA VAL A 16 3.87 -1.93 7.21
C VAL A 16 3.40 -0.67 6.46
N TYR A 17 3.12 -0.82 5.16
CA TYR A 17 2.61 0.24 4.28
C TYR A 17 1.69 -0.33 3.19
N TYR A 18 1.18 0.53 2.30
CA TYR A 18 0.29 0.18 1.20
C TYR A 18 0.90 0.62 -0.14
N PHE A 19 0.77 -0.21 -1.16
CA PHE A 19 1.35 -0.01 -2.50
C PHE A 19 0.33 -0.30 -3.60
N ASN A 20 0.32 0.52 -4.65
CA ASN A 20 -0.56 0.39 -5.81
C ASN A 20 0.19 -0.24 -6.99
N HIS A 21 -0.21 -1.45 -7.41
CA HIS A 21 0.52 -2.23 -8.43
C HIS A 21 0.33 -1.71 -9.86
N ILE A 22 -0.73 -0.93 -10.10
CA ILE A 22 -1.09 -0.38 -11.41
C ILE A 22 -0.29 0.90 -11.73
N THR A 23 -0.05 1.73 -10.71
CA THR A 23 0.60 3.06 -10.83
C THR A 23 1.99 3.14 -10.19
N ASN A 24 2.42 2.10 -9.46
CA ASN A 24 3.62 2.04 -8.62
C ASN A 24 3.69 3.08 -7.49
N ALA A 25 2.56 3.70 -7.11
CA ALA A 25 2.46 4.60 -5.96
C ALA A 25 2.51 3.83 -4.61
N SER A 26 2.86 4.52 -3.52
CA SER A 26 2.84 3.96 -2.16
C SER A 26 2.55 5.01 -1.08
N GLN A 27 1.93 4.58 0.02
CA GLN A 27 1.64 5.42 1.19
C GLN A 27 1.62 4.58 2.49
N PHE A 28 1.89 5.20 3.64
CA PHE A 28 1.99 4.53 4.93
C PHE A 28 0.63 4.18 5.56
N GLU A 29 -0.36 5.07 5.43
CA GLU A 29 -1.70 4.93 6.05
C GLU A 29 -2.72 4.25 5.11
N ARG A 30 -3.78 3.67 5.70
CA ARG A 30 -4.82 2.91 4.97
C ARG A 30 -5.49 3.74 3.86
N PRO A 31 -5.43 3.33 2.57
CA PRO A 31 -6.08 4.03 1.47
C PRO A 31 -7.60 3.80 1.46
N SER A 32 -8.38 4.88 1.33
CA SER A 32 -9.87 4.88 1.35
C SER A 32 -10.49 4.16 2.57
N GLY A 33 -9.85 4.27 3.74
CA GLY A 33 -10.30 3.69 5.02
C GLY A 33 -11.60 4.30 5.55
N LYS A 1 -11.33 -5.01 -0.52
CA LYS A 1 -10.95 -4.32 0.75
C LYS A 1 -10.36 -2.94 0.45
N LEU A 2 -9.14 -2.86 -0.08
CA LEU A 2 -8.53 -1.61 -0.55
C LEU A 2 -9.17 -1.09 -1.87
N PRO A 3 -9.02 0.21 -2.21
CA PRO A 3 -9.40 0.74 -3.52
C PRO A 3 -8.57 0.13 -4.68
N PRO A 4 -8.98 0.31 -5.95
CA PRO A 4 -8.40 -0.39 -7.11
C PRO A 4 -6.88 -0.31 -7.23
N GLY A 5 -6.25 -1.48 -7.40
CA GLY A 5 -4.80 -1.66 -7.56
C GLY A 5 -3.97 -1.63 -6.27
N TRP A 6 -4.52 -1.19 -5.14
CA TRP A 6 -3.81 -1.11 -3.85
C TRP A 6 -3.80 -2.46 -3.10
N GLU A 7 -2.67 -2.76 -2.46
CA GLU A 7 -2.45 -3.95 -1.61
C GLU A 7 -1.43 -3.64 -0.49
N LYS A 8 -1.46 -4.40 0.62
CA LYS A 8 -0.47 -4.28 1.71
C LYS A 8 0.91 -4.76 1.27
N ARG A 9 1.93 -4.08 1.80
CA ARG A 9 3.37 -4.31 1.57
C ARG A 9 4.17 -3.99 2.85
N MET A 10 5.44 -4.38 2.92
CA MET A 10 6.23 -4.32 4.17
C MET A 10 7.74 -4.23 3.92
N PHE A 11 8.42 -3.40 4.72
CA PHE A 11 9.87 -3.25 4.76
C PHE A 11 10.52 -4.29 5.70
N ALA A 12 11.77 -4.69 5.39
CA ALA A 12 12.56 -5.62 6.21
C ALA A 12 12.89 -5.11 7.62
N ASN A 13 12.74 -3.80 7.88
CA ASN A 13 12.88 -3.17 9.19
C ASN A 13 11.67 -3.39 10.13
N GLY A 14 10.58 -4.00 9.64
CA GLY A 14 9.35 -4.26 10.40
C GLY A 14 8.20 -3.28 10.14
N THR A 15 8.32 -2.35 9.18
CA THR A 15 7.29 -1.32 8.91
C THR A 15 6.35 -1.76 7.79
N VAL A 16 5.03 -1.75 8.05
CA VAL A 16 3.97 -2.09 7.09
C VAL A 16 3.42 -0.83 6.42
N TYR A 17 3.08 -0.93 5.13
CA TYR A 17 2.54 0.15 4.29
C TYR A 17 1.61 -0.40 3.20
N TYR A 18 1.11 0.47 2.32
CA TYR A 18 0.24 0.14 1.20
C TYR A 18 0.88 0.59 -0.12
N PHE A 19 0.79 -0.24 -1.16
CA PHE A 19 1.38 -0.03 -2.47
C PHE A 19 0.38 -0.35 -3.59
N ASN A 20 0.36 0.47 -4.65
CA ASN A 20 -0.48 0.25 -5.83
C ASN A 20 0.31 -0.43 -6.95
N HIS A 21 -0.11 -1.63 -7.36
CA HIS A 21 0.61 -2.43 -8.36
C HIS A 21 0.39 -1.95 -9.81
N ILE A 22 -0.64 -1.13 -10.04
CA ILE A 22 -1.03 -0.59 -11.36
C ILE A 22 -0.34 0.75 -11.64
N THR A 23 -0.23 1.61 -10.62
CA THR A 23 0.28 2.99 -10.74
C THR A 23 1.64 3.23 -10.06
N ASN A 24 2.19 2.22 -9.38
CA ASN A 24 3.44 2.25 -8.60
C ASN A 24 3.46 3.27 -7.43
N ALA A 25 2.29 3.78 -7.02
CA ALA A 25 2.15 4.66 -5.85
C ALA A 25 2.33 3.89 -4.52
N SER A 26 2.67 4.60 -3.44
CA SER A 26 2.72 4.02 -2.08
C SER A 26 2.39 5.06 -0.99
N GLN A 27 1.81 4.58 0.12
CA GLN A 27 1.51 5.39 1.32
C GLN A 27 1.49 4.52 2.59
N PHE A 28 1.75 5.13 3.76
CA PHE A 28 1.90 4.40 5.03
C PHE A 28 0.56 4.04 5.69
N GLU A 29 -0.38 4.99 5.74
CA GLU A 29 -1.76 4.77 6.22
C GLU A 29 -2.65 4.16 5.12
N ARG A 30 -3.86 3.70 5.47
CA ARG A 30 -4.75 2.98 4.53
C ARG A 30 -5.28 3.89 3.40
N PRO A 31 -5.17 3.52 2.11
CA PRO A 31 -5.68 4.32 0.98
C PRO A 31 -7.21 4.38 0.91
N SER A 32 -7.73 5.41 0.26
CA SER A 32 -9.18 5.69 0.09
C SER A 32 -9.61 5.98 -1.36
N GLY A 33 -8.68 6.05 -2.31
CA GLY A 33 -8.94 6.28 -3.74
C GLY A 33 -9.36 7.71 -4.06
N LYS A 1 -11.49 -5.19 -0.59
CA LYS A 1 -10.78 -4.80 0.66
C LYS A 1 -10.15 -3.42 0.53
N LEU A 2 -9.04 -3.28 -0.22
CA LEU A 2 -8.45 -2.00 -0.62
C LEU A 2 -9.12 -1.42 -1.89
N PRO A 3 -8.98 -0.10 -2.17
CA PRO A 3 -9.38 0.49 -3.46
C PRO A 3 -8.56 -0.04 -4.65
N PRO A 4 -8.98 0.20 -5.91
CA PRO A 4 -8.40 -0.44 -7.10
C PRO A 4 -6.87 -0.35 -7.23
N GLY A 5 -6.23 -1.51 -7.42
CA GLY A 5 -4.78 -1.67 -7.57
C GLY A 5 -3.96 -1.64 -6.28
N TRP A 6 -4.52 -1.22 -5.15
CA TRP A 6 -3.81 -1.16 -3.86
C TRP A 6 -3.74 -2.51 -3.14
N GLU A 7 -2.61 -2.77 -2.48
CA GLU A 7 -2.32 -3.95 -1.64
C GLU A 7 -1.47 -3.54 -0.42
N LYS A 8 -1.41 -4.42 0.58
CA LYS A 8 -0.49 -4.28 1.73
C LYS A 8 0.93 -4.75 1.37
N ARG A 9 1.92 -4.07 1.93
CA ARG A 9 3.36 -4.29 1.74
C ARG A 9 4.13 -3.96 3.03
N MET A 10 5.43 -4.28 3.10
CA MET A 10 6.22 -4.16 4.33
C MET A 10 7.72 -3.98 4.02
N PHE A 11 8.38 -3.09 4.78
CA PHE A 11 9.83 -2.88 4.75
C PHE A 11 10.60 -4.00 5.48
N ALA A 12 11.88 -4.19 5.15
CA ALA A 12 12.75 -5.20 5.77
C ALA A 12 12.98 -5.00 7.29
N ASN A 13 12.69 -3.80 7.81
CA ASN A 13 12.72 -3.48 9.24
C ASN A 13 11.44 -3.89 10.02
N GLY A 14 10.42 -4.42 9.34
CA GLY A 14 9.15 -4.85 9.93
C GLY A 14 8.02 -3.80 9.94
N THR A 15 8.16 -2.69 9.20
CA THR A 15 7.16 -1.61 9.13
C THR A 15 6.21 -1.81 7.94
N VAL A 16 4.90 -1.73 8.17
CA VAL A 16 3.84 -2.01 7.17
C VAL A 16 3.38 -0.72 6.48
N TYR A 17 3.09 -0.82 5.19
CA TYR A 17 2.57 0.25 4.33
C TYR A 17 1.65 -0.30 3.24
N TYR A 18 1.12 0.58 2.39
CA TYR A 18 0.25 0.25 1.26
C TYR A 18 0.90 0.66 -0.07
N PHE A 19 0.79 -0.18 -1.09
CA PHE A 19 1.39 -0.01 -2.42
C PHE A 19 0.39 -0.33 -3.53
N ASN A 20 0.39 0.46 -4.60
CA ASN A 20 -0.45 0.25 -5.77
C ASN A 20 0.35 -0.43 -6.90
N HIS A 21 -0.06 -1.62 -7.30
CA HIS A 21 0.66 -2.43 -8.31
C HIS A 21 0.42 -1.96 -9.75
N ILE A 22 -0.62 -1.15 -9.99
CA ILE A 22 -1.02 -0.63 -11.31
C ILE A 22 -0.34 0.72 -11.60
N THR A 23 -0.26 1.59 -10.58
CA THR A 23 0.24 2.98 -10.70
C THR A 23 1.62 3.21 -10.07
N ASN A 24 2.20 2.18 -9.44
CA ASN A 24 3.49 2.21 -8.72
C ASN A 24 3.54 3.19 -7.52
N ALA A 25 2.39 3.68 -7.04
CA ALA A 25 2.28 4.57 -5.89
C ALA A 25 2.46 3.82 -4.55
N SER A 26 2.81 4.53 -3.48
CA SER A 26 2.84 3.99 -2.10
C SER A 26 2.52 5.05 -1.04
N GLN A 27 1.94 4.61 0.08
CA GLN A 27 1.62 5.45 1.25
C GLN A 27 1.58 4.62 2.54
N PHE A 28 1.83 5.25 3.69
CA PHE A 28 1.93 4.56 4.99
C PHE A 28 0.56 4.21 5.60
N GLU A 29 -0.43 5.09 5.48
CA GLU A 29 -1.78 4.94 6.06
C GLU A 29 -2.79 4.32 5.07
N ARG A 30 -3.91 3.79 5.59
CA ARG A 30 -4.95 3.09 4.82
C ARG A 30 -5.49 3.96 3.65
N PRO A 31 -5.41 3.51 2.38
CA PRO A 31 -6.00 4.21 1.24
C PRO A 31 -7.53 4.00 1.19
N SER A 32 -8.29 5.09 1.06
CA SER A 32 -9.77 5.10 1.03
C SER A 32 -10.40 4.25 2.15
N GLY A 33 -10.03 4.56 3.41
CA GLY A 33 -10.53 3.90 4.63
C GLY A 33 -11.99 4.21 4.95
#